data_3MZ9
#
_entry.id   3MZ9
#
_cell.length_a   87.083
_cell.length_b   93.848
_cell.length_c   124.731
_cell.angle_alpha   90.00
_cell.angle_beta   90.00
_cell.angle_gamma   90.00
#
_symmetry.space_group_name_H-M   'P 21 21 21'
#
loop_
_entity.id
_entity.type
_entity.pdbx_description
1 polymer 'Nickel-binding periplasmic protein'
2 non-polymer 'FE (III) ION'
3 non-polymer '2-[2-[carboxymethyl-[(2-hydroxyphenyl)methyl]amino]ethyl-[(2-hydroxyphenyl)methyl]amino]ethanoic acid'
4 non-polymer 'DITHIANE DIOL'
5 non-polymer 'CHLORIDE ION'
6 non-polymer GLYCEROL
7 non-polymer 'ACETATE ION'
8 non-polymer 'SULFATE ION'
9 water water
#
_entity_poly.entity_id   1
_entity_poly.type   'polypeptide(L)'
_entity_poly.pdbx_seq_one_letter_code
;AAPDEITTAWPVNVGPLNPHLYTPNQMFAQSMVYEPLVKYQADGSVIPWLAKSWTHSEDGKTWTFTLRDDVKFSNGEPFD
AEAAAENFRAVLDNRQRHAWLELANQIVDVKALSKTELQITLKSAYYPFLQELALPRPFRFIAPSQFKNHETMNGIKAPI
GTGPWILQESKLNQYDVFVRNENYWGEKPAIKKITFNVIPDPTTRAVAFETGDIDLLYGNEGLLPLDTFARFSQNPAYHT
QLSQPIETVMLALNTAKAPTNELAVREALNYAVNKKSLIDNALYGTQQVADTLFAPSVPYANLGLKPSQYDPQKAKALLE
KAGWTLPAGKDIREKNGQPLRIELSFIGTDALSKSMAEIIQADMRQIGADVSLIGEEESSIYARQRDGRFGMIFHRTWGA
PYDPHAFLSSMRVPSHADFQAQQGLADKPLIDKEIGEVLATHDETQRQALYRDILTRLHDEAVYLPISYISMMVVSKPEL
GNIPYAPIATEIPFEQIKPVKP
;
_entity_poly.pdbx_strand_id   A,B
#
# COMPACT_ATOMS: atom_id res chain seq x y z
N ALA A 2 3.00 32.16 8.98
CA ALA A 2 2.35 31.11 9.83
C ALA A 2 2.40 29.73 9.14
N PRO A 3 3.58 29.05 9.17
CA PRO A 3 3.78 27.74 8.52
C PRO A 3 3.34 26.58 9.41
N ASP A 4 2.65 26.89 10.50
CA ASP A 4 2.13 25.88 11.41
C ASP A 4 0.60 26.00 11.50
N GLU A 5 0.03 26.76 10.56
CA GLU A 5 -1.43 26.85 10.37
C GLU A 5 -1.73 26.52 8.92
N ILE A 6 -2.63 25.56 8.69
CA ILE A 6 -3.10 25.28 7.34
C ILE A 6 -4.61 25.44 7.13
N THR A 7 -4.99 25.62 5.86
CA THR A 7 -6.37 25.79 5.48
C THR A 7 -6.72 24.75 4.41
N THR A 8 -7.80 24.03 4.63
CA THR A 8 -8.23 22.98 3.72
C THR A 8 -9.72 23.12 3.45
N ALA A 9 -10.38 22.08 2.97
CA ALA A 9 -11.77 22.18 2.59
C ALA A 9 -12.48 20.86 2.77
N TRP A 10 -13.79 20.94 2.97
CA TRP A 10 -14.66 19.78 3.08
C TRP A 10 -16.03 20.20 2.52
N PRO A 11 -16.78 19.26 1.92
CA PRO A 11 -18.04 19.70 1.28
C PRO A 11 -19.11 20.17 2.28
N VAL A 12 -19.00 19.69 3.53
CA VAL A 12 -19.94 20.06 4.59
C VAL A 12 -19.15 20.36 5.89
N ASN A 13 -19.84 20.94 6.89
CA ASN A 13 -19.25 21.05 8.23
C ASN A 13 -18.97 19.68 8.83
N VAL A 14 -18.16 19.63 9.89
CA VAL A 14 -17.78 18.37 10.47
C VAL A 14 -18.93 17.75 11.27
N GLY A 15 -19.97 18.54 11.53
CA GLY A 15 -21.13 18.08 12.34
C GLY A 15 -20.83 18.25 13.83
N PRO A 16 -21.72 17.70 14.70
CA PRO A 16 -21.59 17.84 16.16
C PRO A 16 -20.36 17.21 16.81
N LEU A 17 -19.75 16.26 16.11
CA LEU A 17 -18.63 15.46 16.62
C LEU A 17 -19.05 14.64 17.86
N ASN A 18 -20.24 14.07 17.77
CA ASN A 18 -20.60 12.96 18.65
C ASN A 18 -19.81 11.72 18.23
N PRO A 19 -18.95 11.16 19.11
CA PRO A 19 -18.12 10.01 18.72
C PRO A 19 -18.93 8.76 18.38
N HIS A 20 -20.19 8.72 18.81
CA HIS A 20 -20.94 7.48 18.78
C HIS A 20 -22.08 7.46 17.76
N LEU A 21 -22.20 8.53 16.97
CA LEU A 21 -23.25 8.63 15.97
C LEU A 21 -22.67 8.79 14.56
N TYR A 22 -23.56 8.81 13.56
CA TYR A 22 -23.17 8.80 12.14
C TYR A 22 -23.52 10.15 11.52
N THR A 23 -24.17 10.18 10.36
CA THR A 23 -24.61 11.46 9.77
C THR A 23 -25.28 12.40 10.80
N PRO A 24 -24.96 13.70 10.77
CA PRO A 24 -24.03 14.41 9.89
C PRO A 24 -22.58 14.51 10.38
N ASN A 25 -22.20 13.68 11.35
CA ASN A 25 -20.78 13.61 11.77
C ASN A 25 -19.91 13.10 10.65
N GLN A 26 -18.77 13.76 10.48
CA GLN A 26 -17.82 13.40 9.44
C GLN A 26 -16.73 12.61 10.10
N MET A 27 -16.48 11.42 9.57
CA MET A 27 -15.58 10.44 10.20
C MET A 27 -14.16 10.95 10.40
N PHE A 28 -13.61 11.64 9.40
CA PHE A 28 -12.21 12.11 9.54
C PHE A 28 -12.10 12.98 10.79
N ALA A 29 -13.14 13.74 11.07
CA ALA A 29 -13.13 14.70 12.17
C ALA A 29 -13.32 14.01 13.51
N GLN A 30 -14.25 13.06 13.56
CA GLN A 30 -14.36 12.22 14.76
C GLN A 30 -13.00 11.58 15.07
N SER A 31 -12.29 11.11 14.02
CA SER A 31 -10.96 10.52 14.22
C SER A 31 -9.88 11.51 14.66
N MET A 32 -10.10 12.80 14.40
CA MET A 32 -9.13 13.81 14.82
C MET A 32 -9.18 14.06 16.34
N VAL A 33 -10.39 13.91 16.91
CA VAL A 33 -10.65 14.30 18.29
C VAL A 33 -10.65 13.07 19.19
N TYR A 34 -11.22 11.97 18.70
CA TYR A 34 -11.44 10.79 19.53
C TYR A 34 -10.50 9.65 19.16
N GLU A 35 -10.16 8.83 20.15
CA GLU A 35 -9.16 7.79 19.98
C GLU A 35 -9.66 6.44 20.42
N PRO A 36 -9.07 5.37 19.85
CA PRO A 36 -9.45 3.99 20.15
C PRO A 36 -8.55 3.36 21.22
N LEU A 37 -8.98 2.21 21.74
CA LEU A 37 -8.17 1.42 22.67
C LEU A 37 -6.90 0.90 21.98
N VAL A 38 -7.07 0.48 20.72
CA VAL A 38 -6.00 -0.11 19.92
C VAL A 38 -6.05 0.54 18.56
N LYS A 39 -4.89 0.73 17.94
CA LYS A 39 -4.81 1.51 16.71
C LYS A 39 -4.47 0.65 15.50
N TYR A 40 -5.21 0.83 14.41
CA TYR A 40 -4.99 0.09 13.18
C TYR A 40 -3.69 0.51 12.46
N GLN A 41 -2.92 -0.47 12.00
CA GLN A 41 -1.67 -0.22 11.24
C GLN A 41 -1.81 -0.73 9.80
N ALA A 42 -1.03 -0.16 8.88
CA ALA A 42 -1.10 -0.59 7.47
C ALA A 42 -0.94 -2.10 7.27
N ASP A 43 -0.19 -2.77 8.14
CA ASP A 43 0.06 -4.22 7.99
C ASP A 43 -1.10 -5.14 8.40
N GLY A 44 -2.20 -4.57 8.89
CA GLY A 44 -3.38 -5.33 9.27
C GLY A 44 -3.47 -5.61 10.76
N SER A 45 -2.37 -5.36 11.46
CA SER A 45 -2.31 -5.55 12.90
C SER A 45 -2.84 -4.29 13.59
N VAL A 46 -3.06 -4.40 14.89
CA VAL A 46 -3.31 -3.23 15.72
C VAL A 46 -2.16 -3.10 16.71
N ILE A 47 -1.89 -1.87 17.13
CA ILE A 47 -0.88 -1.61 18.15
C ILE A 47 -1.58 -1.10 19.42
N PRO A 48 -0.88 -1.18 20.57
CA PRO A 48 -1.47 -0.54 21.75
C PRO A 48 -1.68 0.95 21.54
N TRP A 49 -2.76 1.47 22.12
CA TRP A 49 -3.01 2.90 22.02
C TRP A 49 -3.45 3.40 23.38
N LEU A 50 -4.74 3.62 23.59
CA LEU A 50 -5.23 3.98 24.92
C LEU A 50 -5.11 2.78 25.88
N ALA A 51 -5.17 1.56 25.32
CA ALA A 51 -4.86 0.35 26.07
C ALA A 51 -3.41 -0.01 25.76
N LYS A 52 -2.60 -0.15 26.80
CA LYS A 52 -1.21 -0.56 26.55
C LYS A 52 -1.00 -2.06 26.33
N SER A 53 -1.91 -2.88 26.87
CA SER A 53 -1.85 -4.32 26.66
C SER A 53 -3.20 -4.98 26.89
N TRP A 54 -3.29 -6.26 26.56
CA TRP A 54 -4.53 -7.02 26.72
C TRP A 54 -4.31 -8.52 26.71
N THR A 55 -5.26 -9.25 27.29
CA THR A 55 -5.30 -10.69 27.27
C THR A 55 -6.75 -11.11 27.06
N HIS A 56 -6.95 -12.35 26.62
CA HIS A 56 -8.27 -12.93 26.54
C HIS A 56 -8.29 -14.29 27.22
N SER A 57 -9.48 -14.72 27.66
CA SER A 57 -9.65 -16.01 28.28
C SER A 57 -9.45 -17.17 27.29
N GLU A 58 -9.92 -18.35 27.68
CA GLU A 58 -9.60 -19.61 27.02
C GLU A 58 -9.75 -19.73 25.47
N ASP A 59 -10.93 -19.87 24.87
CA ASP A 59 -12.23 -19.23 25.20
C ASP A 59 -12.07 -17.74 24.96
N GLY A 60 -12.01 -17.36 23.69
CA GLY A 60 -11.79 -15.96 23.31
C GLY A 60 -13.00 -15.06 23.51
N LYS A 61 -13.72 -15.26 24.61
CA LYS A 61 -14.95 -14.51 24.88
C LYS A 61 -14.78 -13.38 25.91
N THR A 62 -13.84 -13.54 26.83
CA THR A 62 -13.57 -12.53 27.87
C THR A 62 -12.22 -11.88 27.58
N TRP A 63 -12.22 -10.55 27.43
CA TRP A 63 -10.99 -9.81 27.15
C TRP A 63 -10.72 -8.78 28.25
N THR A 64 -9.47 -8.64 28.65
CA THR A 64 -9.12 -7.71 29.70
C THR A 64 -8.02 -6.78 29.20
N PHE A 65 -8.32 -5.50 29.11
CA PHE A 65 -7.36 -4.48 28.67
C PHE A 65 -6.73 -3.74 29.83
N THR A 66 -5.41 -3.57 29.75
CA THR A 66 -4.70 -2.74 30.70
C THR A 66 -4.51 -1.38 30.05
N LEU A 67 -5.09 -0.34 30.66
CA LEU A 67 -5.09 0.99 30.06
C LEU A 67 -3.93 1.83 30.52
N ARG A 68 -3.48 2.75 29.66
CA ARG A 68 -2.55 3.81 30.07
C ARG A 68 -3.08 4.54 31.31
N ASP A 69 -2.17 5.05 32.12
CA ASP A 69 -2.56 5.78 33.33
C ASP A 69 -2.22 7.26 33.26
N ASP A 70 -1.78 7.72 32.09
CA ASP A 70 -1.30 9.08 31.94
C ASP A 70 -2.16 9.94 30.98
N VAL A 71 -3.29 9.40 30.52
CA VAL A 71 -4.09 10.09 29.50
C VAL A 71 -5.16 10.98 30.13
N LYS A 72 -5.23 12.23 29.66
CA LYS A 72 -6.31 13.13 30.04
C LYS A 72 -7.12 13.50 28.79
N PHE A 73 -8.43 13.67 28.99
CA PHE A 73 -9.29 14.32 28.00
C PHE A 73 -8.83 15.77 27.88
N SER A 74 -9.17 16.40 26.76
CA SER A 74 -8.70 17.76 26.48
C SER A 74 -9.16 18.80 27.53
N ASN A 75 -10.20 18.47 28.29
CA ASN A 75 -10.73 19.33 29.36
C ASN A 75 -10.10 19.07 30.74
N GLY A 76 -9.07 18.22 30.76
CA GLY A 76 -8.28 17.93 31.97
C GLY A 76 -8.75 16.74 32.80
N GLU A 77 -9.96 16.27 32.53
CA GLU A 77 -10.50 15.11 33.21
C GLU A 77 -9.76 13.83 32.81
N PRO A 78 -9.66 12.87 33.74
CA PRO A 78 -8.87 11.68 33.42
C PRO A 78 -9.57 10.72 32.46
N PHE A 79 -8.78 10.11 31.60
CA PHE A 79 -9.23 8.92 30.90
C PHE A 79 -8.83 7.73 31.78
N ASP A 80 -9.80 6.88 32.10
CA ASP A 80 -9.56 5.68 32.89
C ASP A 80 -10.54 4.57 32.49
N ALA A 81 -10.46 3.43 33.17
CA ALA A 81 -11.32 2.32 32.81
C ALA A 81 -12.80 2.67 33.00
N GLU A 82 -13.12 3.47 34.04
CA GLU A 82 -14.50 3.91 34.28
C GLU A 82 -15.03 4.77 33.10
N ALA A 83 -14.23 5.75 32.69
CA ALA A 83 -14.58 6.55 31.52
C ALA A 83 -14.77 5.65 30.30
N ALA A 84 -13.90 4.68 30.07
CA ALA A 84 -14.02 3.83 28.89
C ALA A 84 -15.30 2.99 28.99
N ALA A 85 -15.54 2.41 30.15
CA ALA A 85 -16.72 1.57 30.36
C ALA A 85 -18.02 2.34 30.10
N GLU A 86 -18.07 3.59 30.56
CA GLU A 86 -19.24 4.45 30.40
C GLU A 86 -19.51 4.72 28.91
N ASN A 87 -18.44 4.91 28.15
CA ASN A 87 -18.54 5.05 26.71
C ASN A 87 -19.13 3.82 26.03
N PHE A 88 -18.64 2.63 26.39
CA PHE A 88 -19.24 1.40 25.84
C PHE A 88 -20.71 1.30 26.15
N ARG A 89 -21.10 1.61 27.39
CA ARG A 89 -22.53 1.64 27.76
C ARG A 89 -23.31 2.60 26.87
N ALA A 90 -22.80 3.82 26.71
CA ALA A 90 -23.49 4.83 25.93
C ALA A 90 -23.67 4.38 24.49
N VAL A 91 -22.65 3.74 23.92
CA VAL A 91 -22.76 3.22 22.55
C VAL A 91 -23.82 2.10 22.47
N LEU A 92 -23.73 1.16 23.39
CA LEU A 92 -24.60 -0.03 23.35
C LEU A 92 -26.01 0.21 23.84
N ASP A 93 -26.25 1.38 24.47
CA ASP A 93 -27.61 1.81 24.73
C ASP A 93 -28.34 2.14 23.41
N ASN A 94 -27.57 2.30 22.33
CA ASN A 94 -28.10 2.60 21.00
C ASN A 94 -27.79 1.45 20.04
N ARG A 95 -27.78 0.24 20.59
CA ARG A 95 -27.31 -0.98 19.93
C ARG A 95 -27.85 -1.20 18.51
N GLN A 96 -29.14 -0.96 18.30
CA GLN A 96 -29.75 -1.14 16.97
C GLN A 96 -29.16 -0.28 15.86
N ARG A 97 -28.71 0.93 16.21
CA ARG A 97 -28.11 1.82 15.23
C ARG A 97 -26.74 1.30 14.77
N HIS A 98 -26.16 0.36 15.50
CA HIS A 98 -24.81 -0.18 15.19
C HIS A 98 -24.84 -1.63 14.64
N ALA A 99 -26.02 -2.05 14.20
CA ALA A 99 -26.27 -3.41 13.69
C ALA A 99 -25.32 -3.82 12.57
N TRP A 100 -25.00 -2.86 11.70
CA TRP A 100 -24.07 -3.09 10.62
C TRP A 100 -22.74 -3.65 11.14
N LEU A 101 -22.38 -3.32 12.38
CA LEU A 101 -21.07 -3.69 12.94
C LEU A 101 -21.25 -4.80 13.95
N GLU A 102 -20.81 -6.01 13.60
CA GLU A 102 -21.17 -7.20 14.39
C GLU A 102 -20.67 -7.16 15.85
N LEU A 103 -19.57 -6.45 16.12
CA LEU A 103 -19.08 -6.29 17.49
C LEU A 103 -20.16 -5.73 18.40
N ALA A 104 -20.98 -4.83 17.86
CA ALA A 104 -22.08 -4.21 18.63
C ALA A 104 -23.17 -5.21 19.02
N ASN A 105 -23.27 -6.33 18.30
CA ASN A 105 -24.23 -7.39 18.67
C ASN A 105 -23.60 -8.44 19.59
N GLN A 106 -22.28 -8.35 19.74
CA GLN A 106 -21.48 -9.35 20.44
C GLN A 106 -21.13 -8.98 21.88
N ILE A 107 -21.01 -7.69 22.18
CA ILE A 107 -20.64 -7.28 23.55
C ILE A 107 -21.78 -7.50 24.55
N VAL A 108 -21.50 -8.30 25.57
CA VAL A 108 -22.45 -8.67 26.62
C VAL A 108 -22.30 -7.75 27.83
N ASP A 109 -21.05 -7.41 28.14
CA ASP A 109 -20.78 -6.65 29.35
C ASP A 109 -19.42 -5.94 29.24
N VAL A 110 -19.34 -4.74 29.82
CA VAL A 110 -18.07 -4.01 29.93
C VAL A 110 -17.94 -3.46 31.36
N LYS A 111 -16.84 -3.80 32.04
CA LYS A 111 -16.66 -3.41 33.45
C LYS A 111 -15.28 -2.85 33.69
N ALA A 112 -15.22 -1.76 34.44
CA ALA A 112 -13.96 -1.27 34.95
C ALA A 112 -13.64 -2.07 36.21
N LEU A 113 -12.60 -2.90 36.12
CA LEU A 113 -12.13 -3.71 37.25
C LEU A 113 -11.27 -2.89 38.22
N SER A 114 -10.62 -1.86 37.68
CA SER A 114 -9.87 -0.86 38.46
C SER A 114 -9.73 0.36 37.56
N LYS A 115 -8.92 1.34 37.98
CA LYS A 115 -8.62 2.51 37.14
C LYS A 115 -7.99 2.15 35.80
N THR A 116 -7.29 1.01 35.78
CA THR A 116 -6.48 0.65 34.62
C THR A 116 -6.91 -0.67 33.96
N GLU A 117 -7.79 -1.43 34.60
CA GLU A 117 -8.20 -2.72 34.03
C GLU A 117 -9.62 -2.64 33.51
N LEU A 118 -9.78 -2.88 32.21
CA LEU A 118 -11.08 -2.84 31.56
C LEU A 118 -11.41 -4.22 31.01
N GLN A 119 -12.54 -4.77 31.43
CA GLN A 119 -12.96 -6.10 30.99
C GLN A 119 -14.17 -6.05 30.06
N ILE A 120 -14.03 -6.66 28.89
CA ILE A 120 -15.09 -6.76 27.89
C ILE A 120 -15.43 -8.22 27.64
N THR A 121 -16.69 -8.57 27.84
CA THR A 121 -17.16 -9.92 27.57
C THR A 121 -18.03 -9.99 26.31
N LEU A 122 -17.78 -11.01 25.51
CA LEU A 122 -18.51 -11.24 24.27
C LEU A 122 -19.46 -12.44 24.29
N LYS A 123 -20.47 -12.38 23.44
CA LYS A 123 -21.39 -13.46 23.13
C LYS A 123 -20.63 -14.70 22.64
N SER A 124 -19.79 -14.51 21.62
CA SER A 124 -19.01 -15.58 21.00
C SER A 124 -17.55 -15.14 20.86
N ALA A 125 -16.68 -16.04 20.41
CA ALA A 125 -15.28 -15.68 20.15
C ALA A 125 -15.14 -14.98 18.80
N TYR A 126 -15.39 -13.67 18.83
CA TYR A 126 -15.49 -12.87 17.63
C TYR A 126 -14.10 -12.45 17.13
N TYR A 127 -13.64 -13.04 16.03
CA TYR A 127 -12.26 -12.83 15.55
C TYR A 127 -11.88 -11.37 15.27
N PRO A 128 -12.75 -10.60 14.55
CA PRO A 128 -12.33 -9.24 14.22
C PRO A 128 -12.51 -8.24 15.36
N PHE A 129 -12.59 -8.72 16.60
CA PHE A 129 -12.80 -7.85 17.78
C PHE A 129 -11.89 -6.62 17.82
N LEU A 130 -10.58 -6.84 17.78
CA LEU A 130 -9.62 -5.73 17.91
C LEU A 130 -9.69 -4.73 16.76
N GLN A 131 -9.81 -5.24 15.53
CA GLN A 131 -9.92 -4.38 14.34
C GLN A 131 -11.15 -3.47 14.41
N GLU A 132 -12.23 -3.99 15.00
CA GLU A 132 -13.46 -3.20 15.13
C GLU A 132 -13.39 -2.17 16.25
N LEU A 133 -12.62 -2.46 17.30
CA LEU A 133 -12.30 -1.45 18.32
C LEU A 133 -11.47 -0.31 17.74
N ALA A 134 -10.74 -0.60 16.68
CA ALA A 134 -9.83 0.37 16.05
C ALA A 134 -10.53 1.34 15.10
N LEU A 135 -11.78 1.06 14.74
CA LEU A 135 -12.52 1.89 13.77
C LEU A 135 -12.74 3.35 14.24
N PRO A 136 -12.89 4.32 13.30
CA PRO A 136 -13.20 5.72 13.64
C PRO A 136 -14.41 5.86 14.58
N ARG A 137 -15.41 4.99 14.42
CA ARG A 137 -16.63 4.98 15.24
C ARG A 137 -17.26 3.58 15.18
N PRO A 138 -18.05 3.22 16.21
CA PRO A 138 -18.43 4.10 17.33
C PRO A 138 -17.63 3.93 18.62
N PHE A 139 -16.61 3.08 18.62
CA PHE A 139 -15.99 2.71 19.90
C PHE A 139 -14.80 3.59 20.31
N ARG A 140 -15.02 4.90 20.30
CA ARG A 140 -14.01 5.85 20.75
C ARG A 140 -14.58 6.71 21.87
N PHE A 141 -13.75 7.50 22.53
CA PHE A 141 -14.07 7.93 23.91
C PHE A 141 -14.20 9.42 24.10
N ILE A 142 -15.40 9.83 24.51
CA ILE A 142 -15.69 11.22 24.87
C ILE A 142 -15.72 11.29 26.40
N ALA A 143 -15.28 12.41 26.97
CA ALA A 143 -15.34 12.61 28.43
C ALA A 143 -16.77 12.35 28.91
N PRO A 144 -16.96 11.42 29.87
CA PRO A 144 -18.34 11.15 30.30
C PRO A 144 -19.09 12.35 30.89
N SER A 145 -18.37 13.35 31.38
CA SER A 145 -19.04 14.59 31.81
C SER A 145 -19.82 15.29 30.69
N GLN A 146 -19.49 14.96 29.44
CA GLN A 146 -20.13 15.60 28.29
C GLN A 146 -21.31 14.80 27.72
N PHE A 147 -21.65 13.66 28.35
CA PHE A 147 -22.89 12.94 28.08
C PHE A 147 -24.09 13.87 28.40
N LYS A 148 -25.23 13.60 27.78
CA LYS A 148 -26.45 14.25 28.18
C LYS A 148 -27.32 13.21 28.87
N ASN A 149 -27.72 13.50 30.12
CA ASN A 149 -28.46 12.52 30.96
C ASN A 149 -27.82 11.14 30.94
N HIS A 150 -26.48 11.12 31.04
CA HIS A 150 -25.70 9.89 31.14
C HIS A 150 -25.79 9.02 29.88
N GLU A 151 -26.11 9.66 28.75
CA GLU A 151 -26.11 9.02 27.44
C GLU A 151 -25.39 9.88 26.38
N THR A 152 -25.13 9.28 25.22
CA THR A 152 -24.70 10.06 24.04
C THR A 152 -25.66 9.92 22.85
N MET A 153 -26.60 8.97 22.93
CA MET A 153 -27.44 8.71 21.77
C MET A 153 -28.43 9.82 21.46
N ASN A 154 -28.72 10.65 22.47
CA ASN A 154 -29.58 11.80 22.38
C ASN A 154 -28.79 13.10 22.28
N GLY A 155 -27.49 12.96 22.04
CA GLY A 155 -26.62 14.11 21.86
C GLY A 155 -25.56 14.25 22.94
N ILE A 156 -24.62 15.17 22.69
CA ILE A 156 -23.55 15.41 23.65
C ILE A 156 -23.47 16.90 23.98
N LYS A 157 -22.66 17.24 24.97
CA LYS A 157 -22.39 18.62 25.31
C LYS A 157 -21.18 19.04 24.49
N ALA A 158 -20.01 19.22 25.09
CA ALA A 158 -18.84 19.58 24.28
C ALA A 158 -18.15 18.33 23.74
N PRO A 159 -17.59 18.40 22.51
CA PRO A 159 -16.98 17.21 21.89
C PRO A 159 -15.56 16.96 22.40
N ILE A 160 -15.47 16.52 23.65
CA ILE A 160 -14.19 16.45 24.35
C ILE A 160 -13.59 15.05 24.25
N GLY A 161 -12.50 14.97 23.49
CA GLY A 161 -11.77 13.73 23.32
C GLY A 161 -10.41 13.75 23.99
N THR A 162 -9.66 12.70 23.75
CA THR A 162 -8.27 12.58 24.22
C THR A 162 -7.31 12.87 23.08
N GLY A 163 -7.85 13.13 21.89
CA GLY A 163 -7.04 13.12 20.67
C GLY A 163 -6.13 14.33 20.49
N PRO A 164 -5.30 14.31 19.44
CA PRO A 164 -4.33 15.37 19.21
C PRO A 164 -4.89 16.72 18.72
N TRP A 165 -6.18 16.74 18.35
CA TRP A 165 -6.86 17.94 17.84
C TRP A 165 -8.08 18.27 18.68
N ILE A 166 -8.33 19.56 18.86
CA ILE A 166 -9.52 20.03 19.58
C ILE A 166 -10.32 20.92 18.65
N LEU A 167 -11.64 20.69 18.54
CA LEU A 167 -12.49 21.61 17.79
C LEU A 167 -12.55 22.96 18.50
N GLN A 168 -12.19 24.02 17.77
CA GLN A 168 -12.19 25.35 18.35
C GLN A 168 -13.55 26.01 18.16
N GLU A 169 -14.06 25.95 16.93
CA GLU A 169 -15.35 26.54 16.55
C GLU A 169 -15.87 25.96 15.22
N SER A 170 -17.18 26.00 15.06
CA SER A 170 -17.85 25.60 13.82
C SER A 170 -18.86 26.65 13.44
N LYS A 171 -18.97 26.94 12.15
CA LYS A 171 -20.06 27.79 11.65
C LYS A 171 -20.77 27.08 10.52
N LEU A 172 -22.04 26.75 10.73
CA LEU A 172 -22.85 26.00 9.75
C LEU A 172 -22.73 26.63 8.36
N ASN A 173 -22.39 25.79 7.38
CA ASN A 173 -22.27 26.20 5.98
C ASN A 173 -21.12 27.17 5.69
N GLN A 174 -20.21 27.34 6.66
CA GLN A 174 -19.06 28.25 6.46
C GLN A 174 -17.69 27.58 6.68
N TYR A 175 -17.43 27.08 7.89
CA TYR A 175 -16.11 26.53 8.22
C TYR A 175 -16.07 25.82 9.57
N ASP A 176 -15.00 25.07 9.80
CA ASP A 176 -14.73 24.45 11.10
C ASP A 176 -13.25 24.67 11.40
N VAL A 177 -12.91 25.00 12.63
CA VAL A 177 -11.53 25.26 12.99
C VAL A 177 -11.10 24.30 14.10
N PHE A 178 -9.96 23.62 13.89
CA PHE A 178 -9.37 22.75 14.88
C PHE A 178 -8.05 23.33 15.34
N VAL A 179 -7.71 23.05 16.59
CA VAL A 179 -6.47 23.47 17.17
C VAL A 179 -5.72 22.25 17.78
N ARG A 180 -4.38 22.28 17.78
CA ARG A 180 -3.58 21.22 18.36
C ARG A 180 -3.93 21.11 19.87
N ASN A 181 -4.05 19.88 20.36
CA ASN A 181 -4.16 19.61 21.81
C ASN A 181 -2.79 19.75 22.48
N GLU A 182 -2.61 20.80 23.28
CA GLU A 182 -1.28 21.05 23.85
C GLU A 182 -1.01 20.13 25.02
N ASN A 183 -2.04 19.39 25.41
CA ASN A 183 -1.92 18.43 26.50
C ASN A 183 -2.19 17.02 26.07
N TYR A 184 -1.84 16.72 24.82
CA TYR A 184 -1.99 15.39 24.26
C TYR A 184 -1.00 14.41 24.92
N TRP A 185 -1.48 13.20 25.22
CA TRP A 185 -0.61 12.19 25.84
C TRP A 185 0.54 11.75 24.94
N GLY A 186 0.33 11.80 23.62
CA GLY A 186 1.33 11.31 22.67
C GLY A 186 2.13 12.45 22.07
N GLU A 187 2.60 12.28 20.85
CA GLU A 187 3.47 13.26 20.19
C GLU A 187 2.70 14.50 19.74
N LYS A 188 3.28 15.67 19.98
CA LYS A 188 2.75 16.95 19.53
C LYS A 188 2.78 17.02 18.00
N PRO A 189 1.63 17.37 17.39
CA PRO A 189 1.58 17.72 15.98
C PRO A 189 2.42 18.97 15.67
N ALA A 190 3.06 19.00 14.51
CA ALA A 190 3.77 20.19 14.05
C ALA A 190 2.79 21.30 13.67
N ILE A 191 1.65 20.92 13.09
CA ILE A 191 0.59 21.89 12.78
C ILE A 191 -0.19 22.25 14.05
N LYS A 192 -0.47 23.54 14.22
CA LYS A 192 -1.10 24.07 15.42
C LYS A 192 -2.58 24.35 15.18
N LYS A 193 -2.94 24.65 13.94
CA LYS A 193 -4.29 25.07 13.59
C LYS A 193 -4.67 24.55 12.21
N ILE A 194 -5.89 24.02 12.10
CA ILE A 194 -6.44 23.58 10.81
C ILE A 194 -7.81 24.17 10.61
N THR A 195 -7.97 24.90 9.51
CA THR A 195 -9.24 25.48 9.16
C THR A 195 -9.83 24.73 7.97
N PHE A 196 -11.04 24.21 8.13
CA PHE A 196 -11.78 23.58 7.03
C PHE A 196 -12.80 24.56 6.48
N ASN A 197 -12.60 25.00 5.24
CA ASN A 197 -13.61 25.84 4.58
C ASN A 197 -14.67 24.95 3.98
N VAL A 198 -15.96 25.27 4.18
CA VAL A 198 -17.03 24.45 3.63
C VAL A 198 -17.24 24.79 2.15
N ILE A 199 -16.84 23.88 1.27
CA ILE A 199 -16.92 24.11 -0.19
C ILE A 199 -17.49 22.87 -0.86
N PRO A 200 -18.81 22.87 -1.12
CA PRO A 200 -19.50 21.70 -1.62
C PRO A 200 -19.16 21.27 -3.06
N ASP A 201 -18.80 22.21 -3.91
CA ASP A 201 -18.64 21.92 -5.35
C ASP A 201 -17.19 21.54 -5.67
N PRO A 202 -16.99 20.40 -6.40
CA PRO A 202 -15.61 20.03 -6.77
C PRO A 202 -14.85 21.10 -7.55
N THR A 203 -15.47 21.76 -8.54
CA THR A 203 -14.70 22.79 -9.25
C THR A 203 -14.41 24.02 -8.39
N THR A 204 -15.33 24.36 -7.49
CA THR A 204 -15.08 25.44 -6.53
C THR A 204 -13.90 25.12 -5.61
N ARG A 205 -13.78 23.87 -5.18
CA ARG A 205 -12.61 23.44 -4.42
C ARG A 205 -11.30 23.64 -5.20
N ALA A 206 -11.30 23.23 -6.48
CA ALA A 206 -10.11 23.43 -7.32
C ALA A 206 -9.76 24.91 -7.49
N VAL A 207 -10.78 25.72 -7.75
CA VAL A 207 -10.61 27.18 -7.85
C VAL A 207 -10.05 27.76 -6.55
N ALA A 208 -10.58 27.32 -5.41
CA ALA A 208 -10.05 27.81 -4.13
C ALA A 208 -8.57 27.47 -3.95
N PHE A 209 -8.15 26.31 -4.45
CA PHE A 209 -6.72 25.98 -4.42
C PHE A 209 -5.91 26.91 -5.36
N GLU A 210 -6.40 27.04 -6.58
CA GLU A 210 -5.70 27.88 -7.58
C GLU A 210 -5.50 29.32 -7.10
N THR A 211 -6.47 29.83 -6.36
CA THR A 211 -6.43 31.21 -5.89
C THR A 211 -5.55 31.39 -4.65
N GLY A 212 -5.15 30.28 -4.02
CA GLY A 212 -4.34 30.35 -2.80
C GLY A 212 -5.15 30.36 -1.51
N ASP A 213 -6.48 30.26 -1.65
CA ASP A 213 -7.42 30.34 -0.52
C ASP A 213 -7.36 29.12 0.39
N ILE A 214 -6.96 27.97 -0.16
CA ILE A 214 -6.74 26.78 0.65
C ILE A 214 -5.36 26.21 0.32
N ASP A 215 -4.79 25.44 1.23
CA ASP A 215 -3.42 24.92 1.15
C ASP A 215 -3.36 23.43 0.83
N LEU A 216 -4.49 22.75 0.97
CA LEU A 216 -4.49 21.28 0.96
C LEU A 216 -5.87 20.77 0.61
N LEU A 217 -5.91 19.78 -0.26
CA LEU A 217 -7.10 19.02 -0.54
C LEU A 217 -6.71 17.57 -0.44
N TYR A 218 -7.54 16.78 0.21
CA TYR A 218 -7.24 15.38 0.48
C TYR A 218 -8.56 14.60 0.46
N GLY A 219 -8.66 13.62 -0.43
CA GLY A 219 -9.89 12.85 -0.56
C GLY A 219 -9.83 11.77 -1.62
N ASN A 220 -11.00 11.23 -1.97
CA ASN A 220 -11.09 10.14 -2.94
C ASN A 220 -11.25 10.70 -4.36
N GLU A 221 -11.79 9.90 -5.28
CA GLU A 221 -11.85 10.33 -6.68
C GLU A 221 -12.80 11.50 -6.93
N GLY A 222 -13.63 11.82 -5.94
CA GLY A 222 -14.54 12.97 -6.01
C GLY A 222 -14.01 14.28 -5.47
N LEU A 223 -12.73 14.29 -5.11
CA LEU A 223 -12.13 15.45 -4.45
C LEU A 223 -12.17 16.71 -5.29
N LEU A 224 -11.83 16.56 -6.57
CA LEU A 224 -11.86 17.66 -7.54
C LEU A 224 -11.99 17.05 -8.93
N PRO A 225 -12.30 17.88 -9.94
CA PRO A 225 -12.49 17.31 -11.27
C PRO A 225 -11.21 16.63 -11.70
N LEU A 226 -11.33 15.45 -12.30
CA LEU A 226 -10.16 14.63 -12.54
C LEU A 226 -9.29 15.16 -13.68
N ASP A 227 -9.89 15.86 -14.65
CA ASP A 227 -9.12 16.61 -15.67
C ASP A 227 -8.23 17.67 -15.01
N THR A 228 -8.80 18.37 -14.03
CA THR A 228 -8.08 19.41 -13.30
C THR A 228 -6.94 18.82 -12.48
N PHE A 229 -7.22 17.72 -11.78
CA PHE A 229 -6.18 17.04 -11.02
C PHE A 229 -5.02 16.64 -11.93
N ALA A 230 -5.32 16.12 -13.12
CA ALA A 230 -4.24 15.75 -14.06
C ALA A 230 -3.41 16.96 -14.51
N ARG A 231 -4.06 18.09 -14.78
CA ARG A 231 -3.35 19.33 -15.11
C ARG A 231 -2.49 19.78 -13.93
N PHE A 232 -3.05 19.70 -12.72
CA PHE A 232 -2.33 20.12 -11.52
C PHE A 232 -1.06 19.29 -11.33
N SER A 233 -1.12 18.01 -11.69
CA SER A 233 0.00 17.10 -11.46
C SER A 233 1.20 17.47 -12.33
N GLN A 234 0.96 18.27 -13.39
CA GLN A 234 2.03 18.73 -14.26
C GLN A 234 2.49 20.13 -13.95
N ASN A 235 1.75 20.79 -13.05
CA ASN A 235 2.03 22.18 -12.70
C ASN A 235 3.12 22.28 -11.65
N PRO A 236 4.29 22.87 -12.02
CA PRO A 236 5.43 22.83 -11.11
C PRO A 236 5.25 23.71 -9.87
N ALA A 237 4.19 24.52 -9.83
CA ALA A 237 3.92 25.37 -8.67
C ALA A 237 3.13 24.60 -7.63
N TYR A 238 2.60 23.44 -8.05
CA TYR A 238 1.73 22.66 -7.18
C TYR A 238 2.39 21.37 -6.75
N HIS A 239 1.86 20.72 -5.72
CA HIS A 239 2.20 19.32 -5.41
C HIS A 239 0.92 18.47 -5.50
N THR A 240 1.03 17.30 -6.12
CA THR A 240 -0.10 16.35 -6.10
C THR A 240 0.41 14.97 -5.75
N GLN A 241 -0.51 14.11 -5.30
CA GLN A 241 -0.20 12.70 -5.03
C GLN A 241 -1.40 11.86 -5.39
N LEU A 242 -1.15 10.59 -5.70
CA LEU A 242 -2.20 9.64 -6.00
C LEU A 242 -1.74 8.37 -5.29
N SER A 243 -2.52 7.89 -4.32
CA SER A 243 -2.11 6.72 -3.54
C SER A 243 -2.28 5.43 -4.33
N GLN A 244 -1.84 4.31 -3.74
CA GLN A 244 -2.24 3.02 -4.28
C GLN A 244 -3.72 2.80 -3.94
N PRO A 245 -4.42 1.92 -4.69
CA PRO A 245 -5.87 1.86 -4.55
C PRO A 245 -6.31 1.47 -3.14
N ILE A 246 -7.44 2.02 -2.73
CA ILE A 246 -7.94 1.83 -1.38
C ILE A 246 -9.22 1.02 -1.30
N GLU A 247 -10.03 1.03 -2.37
CA GLU A 247 -11.33 0.35 -2.36
C GLU A 247 -11.92 0.19 -3.74
N THR A 248 -13.01 -0.55 -3.86
CA THR A 248 -13.62 -0.82 -5.17
C THR A 248 -14.83 0.09 -5.41
N VAL A 249 -15.01 0.55 -6.66
CA VAL A 249 -16.25 1.19 -7.11
C VAL A 249 -16.87 0.25 -8.12
N MET A 250 -18.18 0.05 -8.02
CA MET A 250 -18.85 -0.98 -8.83
C MET A 250 -20.31 -0.62 -9.08
N LEU A 251 -20.99 -1.43 -9.87
CA LEU A 251 -22.43 -1.40 -9.87
C LEU A 251 -22.89 -2.56 -9.01
N ALA A 252 -23.99 -2.38 -8.29
CA ALA A 252 -24.66 -3.51 -7.69
C ALA A 252 -25.87 -3.77 -8.55
N LEU A 253 -26.07 -5.02 -8.95
CA LEU A 253 -27.21 -5.44 -9.78
C LEU A 253 -28.30 -6.12 -8.93
N ASN A 254 -29.56 -5.72 -9.13
CA ASN A 254 -30.65 -6.24 -8.30
C ASN A 254 -31.12 -7.62 -8.75
N THR A 255 -30.65 -8.66 -8.05
CA THR A 255 -31.01 -10.04 -8.38
C THR A 255 -32.49 -10.39 -8.12
N ALA A 256 -33.22 -9.49 -7.49
CA ALA A 256 -34.65 -9.74 -7.18
C ALA A 256 -35.57 -8.92 -8.08
N LYS A 257 -35.02 -8.28 -9.11
CA LYS A 257 -35.86 -7.43 -9.96
C LYS A 257 -35.59 -7.73 -11.42
N ALA A 258 -36.66 -7.91 -12.20
CA ALA A 258 -36.49 -8.10 -13.64
C ALA A 258 -35.83 -6.89 -14.29
N PRO A 259 -34.93 -7.13 -15.27
CA PRO A 259 -34.42 -8.36 -15.84
C PRO A 259 -33.07 -8.76 -15.21
N THR A 260 -32.60 -7.99 -14.22
CA THR A 260 -31.34 -8.32 -13.52
C THR A 260 -31.48 -9.51 -12.57
N ASN A 261 -32.70 -10.06 -12.46
CA ASN A 261 -32.92 -11.28 -11.70
C ASN A 261 -32.39 -12.50 -12.45
N GLU A 262 -32.09 -12.33 -13.74
CA GLU A 262 -31.59 -13.44 -14.55
C GLU A 262 -30.06 -13.46 -14.54
N LEU A 263 -29.49 -14.58 -14.10
CA LEU A 263 -28.03 -14.76 -14.12
C LEU A 263 -27.41 -14.42 -15.49
N ALA A 264 -28.03 -14.92 -16.55
CA ALA A 264 -27.53 -14.64 -17.90
C ALA A 264 -27.44 -13.14 -18.22
N VAL A 265 -28.41 -12.35 -17.75
CA VAL A 265 -28.40 -10.91 -17.94
C VAL A 265 -27.23 -10.31 -17.15
N ARG A 266 -27.07 -10.72 -15.89
CA ARG A 266 -26.00 -10.14 -15.06
C ARG A 266 -24.61 -10.53 -15.60
N GLU A 267 -24.48 -11.74 -16.12
CA GLU A 267 -23.23 -12.18 -16.74
C GLU A 267 -22.95 -11.33 -17.98
N ALA A 268 -23.97 -11.13 -18.80
CA ALA A 268 -23.81 -10.35 -20.02
C ALA A 268 -23.38 -8.91 -19.72
N LEU A 269 -24.02 -8.29 -18.73
CA LEU A 269 -23.65 -6.94 -18.35
C LEU A 269 -22.19 -6.88 -17.92
N ASN A 270 -21.71 -7.91 -17.24
CA ASN A 270 -20.31 -7.97 -16.80
C ASN A 270 -19.28 -8.18 -17.92
N TYR A 271 -19.73 -8.58 -19.11
CA TYR A 271 -18.85 -8.62 -20.30
C TYR A 271 -19.02 -7.40 -21.22
N ALA A 272 -20.00 -6.54 -20.92
CA ALA A 272 -20.35 -5.45 -21.84
C ALA A 272 -19.49 -4.18 -21.69
N VAL A 273 -18.78 -4.04 -20.57
CA VAL A 273 -18.14 -2.76 -20.24
C VAL A 273 -16.64 -2.80 -20.43
N ASN A 274 -16.11 -1.95 -21.31
CA ASN A 274 -14.66 -1.80 -21.42
C ASN A 274 -14.24 -0.86 -20.28
N LYS A 275 -13.76 -1.44 -19.20
CA LYS A 275 -13.50 -0.64 -18.02
C LYS A 275 -12.30 0.30 -18.20
N LYS A 276 -11.32 -0.13 -18.98
CA LYS A 276 -10.15 0.72 -19.23
C LYS A 276 -10.60 1.98 -19.93
N SER A 277 -11.49 1.81 -20.91
CA SER A 277 -12.07 2.93 -21.64
C SER A 277 -12.93 3.81 -20.77
N LEU A 278 -13.72 3.18 -19.89
CA LEU A 278 -14.52 3.97 -18.98
C LEU A 278 -13.61 4.88 -18.13
N ILE A 279 -12.53 4.30 -17.62
CA ILE A 279 -11.61 5.02 -16.74
C ILE A 279 -10.83 6.10 -17.51
N ASP A 280 -10.43 5.78 -18.74
CA ASP A 280 -9.70 6.75 -19.57
C ASP A 280 -10.59 7.89 -20.07
N ASN A 281 -11.90 7.62 -20.15
CA ASN A 281 -12.91 8.56 -20.62
C ASN A 281 -13.42 9.44 -19.48
N ALA A 282 -13.92 8.82 -18.41
CA ALA A 282 -14.59 9.58 -17.35
C ALA A 282 -13.64 9.98 -16.25
N LEU A 283 -12.64 9.15 -15.98
CA LEU A 283 -11.75 9.35 -14.84
C LEU A 283 -10.36 9.81 -15.26
N TYR A 284 -10.22 10.20 -16.53
CA TYR A 284 -8.96 10.73 -17.06
C TYR A 284 -7.74 9.85 -16.76
N GLY A 285 -7.94 8.52 -16.75
CA GLY A 285 -6.88 7.56 -16.57
C GLY A 285 -6.32 7.46 -15.17
N THR A 286 -7.02 7.97 -14.18
CA THR A 286 -6.45 8.16 -12.84
C THR A 286 -6.65 6.98 -11.89
N GLN A 287 -7.43 5.98 -12.31
CA GLN A 287 -7.81 4.84 -11.46
C GLN A 287 -7.50 3.51 -12.17
N GLN A 288 -7.63 2.38 -11.47
CA GLN A 288 -7.26 1.06 -12.01
C GLN A 288 -8.50 0.25 -12.29
N VAL A 289 -8.45 -0.61 -13.32
CA VAL A 289 -9.55 -1.50 -13.64
C VAL A 289 -9.79 -2.53 -12.53
N ALA A 290 -11.07 -2.75 -12.20
CA ALA A 290 -11.45 -3.76 -11.21
C ALA A 290 -12.23 -4.89 -11.87
N ASP A 291 -11.81 -6.12 -11.67
CA ASP A 291 -12.63 -7.22 -12.19
C ASP A 291 -13.25 -8.11 -11.12
N THR A 292 -12.89 -7.87 -9.87
CA THR A 292 -13.53 -8.54 -8.75
C THR A 292 -14.00 -7.55 -7.68
N LEU A 293 -15.02 -7.96 -6.93
CA LEU A 293 -15.52 -7.14 -5.78
C LEU A 293 -14.37 -6.60 -4.93
N PHE A 294 -13.44 -7.48 -4.53
CA PHE A 294 -12.24 -7.03 -3.80
C PHE A 294 -11.03 -7.25 -4.65
N ALA A 295 -10.13 -6.27 -4.65
CA ALA A 295 -8.84 -6.45 -5.31
C ALA A 295 -8.10 -7.66 -4.71
N PRO A 296 -7.26 -8.34 -5.51
CA PRO A 296 -6.51 -9.49 -5.02
C PRO A 296 -5.61 -9.18 -3.82
N SER A 297 -5.28 -7.91 -3.61
CA SER A 297 -4.43 -7.50 -2.49
C SER A 297 -5.17 -7.42 -1.13
N VAL A 298 -6.49 -7.54 -1.18
CA VAL A 298 -7.35 -7.51 -0.01
C VAL A 298 -7.21 -8.83 0.78
N PRO A 299 -7.10 -8.75 2.12
CA PRO A 299 -6.97 -10.00 2.89
C PRO A 299 -8.06 -11.01 2.50
N TYR A 300 -7.66 -12.28 2.40
CA TYR A 300 -8.57 -13.41 2.11
C TYR A 300 -9.18 -13.40 0.71
N ALA A 301 -8.81 -12.45 -0.14
CA ALA A 301 -9.47 -12.28 -1.42
C ALA A 301 -8.58 -12.61 -2.61
N ASN A 302 -7.39 -13.16 -2.37
CA ASN A 302 -6.60 -13.59 -3.51
C ASN A 302 -6.98 -15.01 -3.89
N LEU A 303 -8.01 -15.14 -4.71
CA LEU A 303 -8.69 -16.41 -4.91
C LEU A 303 -8.59 -16.94 -6.35
N GLY A 304 -7.93 -16.19 -7.21
CA GLY A 304 -7.86 -16.54 -8.62
C GLY A 304 -9.21 -16.56 -9.31
N LEU A 305 -10.14 -15.69 -8.87
CA LEU A 305 -11.44 -15.57 -9.55
C LEU A 305 -11.24 -15.15 -11.02
N LYS A 306 -12.03 -15.75 -11.90
CA LYS A 306 -11.93 -15.49 -13.34
C LYS A 306 -12.58 -14.17 -13.71
N PRO A 307 -11.81 -13.22 -14.25
CA PRO A 307 -12.39 -11.95 -14.68
C PRO A 307 -13.29 -12.15 -15.90
N SER A 308 -14.33 -11.32 -16.01
CA SER A 308 -15.11 -11.24 -17.23
C SER A 308 -14.52 -10.08 -18.01
N GLN A 309 -13.61 -10.38 -18.92
CA GLN A 309 -12.97 -9.31 -19.69
C GLN A 309 -13.99 -8.73 -20.66
N TYR A 310 -13.81 -7.48 -21.06
CA TYR A 310 -14.69 -6.88 -22.06
C TYR A 310 -14.79 -7.79 -23.30
N ASP A 311 -16.02 -8.22 -23.61
CA ASP A 311 -16.26 -9.16 -24.71
C ASP A 311 -17.72 -9.05 -25.15
N PRO A 312 -18.02 -8.07 -26.02
CA PRO A 312 -19.43 -7.82 -26.34
C PRO A 312 -20.06 -8.94 -27.17
N GLN A 313 -19.24 -9.71 -27.89
CA GLN A 313 -19.72 -10.89 -28.59
C GLN A 313 -20.26 -11.91 -27.61
N LYS A 314 -19.52 -12.15 -26.53
CA LYS A 314 -19.95 -13.10 -25.53
C LYS A 314 -21.21 -12.57 -24.80
N ALA A 315 -21.26 -11.26 -24.55
CA ALA A 315 -22.40 -10.65 -23.86
C ALA A 315 -23.65 -10.86 -24.70
N LYS A 316 -23.54 -10.61 -26.01
CA LYS A 316 -24.68 -10.84 -26.92
C LYS A 316 -25.11 -12.30 -26.95
N ALA A 317 -24.14 -13.22 -27.02
CA ALA A 317 -24.44 -14.65 -27.09
C ALA A 317 -25.16 -15.10 -25.80
N LEU A 318 -24.71 -14.61 -24.65
CA LEU A 318 -25.38 -14.93 -23.40
C LEU A 318 -26.84 -14.52 -23.39
N LEU A 319 -27.10 -13.30 -23.85
CA LEU A 319 -28.45 -12.77 -23.92
C LEU A 319 -29.29 -13.56 -24.91
N GLU A 320 -28.74 -13.83 -26.09
CA GLU A 320 -29.47 -14.64 -27.08
C GLU A 320 -29.90 -15.98 -26.52
N LYS A 321 -28.98 -16.67 -25.86
CA LYS A 321 -29.23 -18.00 -25.29
C LYS A 321 -30.34 -17.97 -24.25
N ALA A 322 -30.43 -16.84 -23.55
CA ALA A 322 -31.46 -16.60 -22.54
C ALA A 322 -32.77 -16.09 -23.15
N GLY A 323 -32.84 -16.04 -24.48
CA GLY A 323 -34.07 -15.62 -25.18
C GLY A 323 -34.35 -14.15 -25.34
N TRP A 324 -33.31 -13.32 -25.09
CA TRP A 324 -33.39 -11.89 -25.34
C TRP A 324 -32.82 -11.61 -26.72
N THR A 325 -33.71 -11.36 -27.70
CA THR A 325 -33.25 -11.24 -29.08
C THR A 325 -33.75 -9.92 -29.66
N LEU A 326 -33.17 -9.52 -30.78
CA LEU A 326 -33.45 -8.22 -31.37
C LEU A 326 -34.64 -8.28 -32.34
N PRO A 327 -35.65 -7.42 -32.13
CA PRO A 327 -36.66 -7.26 -33.17
C PRO A 327 -36.07 -6.55 -34.40
N ALA A 328 -36.63 -6.78 -35.58
CA ALA A 328 -36.31 -5.92 -36.73
C ALA A 328 -37.00 -4.58 -36.50
N GLY A 329 -36.38 -3.44 -36.81
CA GLY A 329 -34.94 -3.31 -36.99
C GLY A 329 -34.62 -2.41 -35.81
N LYS A 330 -34.76 -2.98 -34.62
CA LYS A 330 -34.58 -2.24 -33.38
C LYS A 330 -33.30 -2.71 -32.69
N ASP A 331 -32.73 -1.85 -31.86
CA ASP A 331 -31.46 -2.11 -31.19
C ASP A 331 -31.60 -2.68 -29.77
N ILE A 332 -32.84 -2.65 -29.25
CA ILE A 332 -33.08 -3.14 -27.89
C ILE A 332 -33.77 -4.49 -27.88
N ARG A 333 -33.14 -5.44 -27.21
CA ARG A 333 -33.62 -6.82 -27.15
C ARG A 333 -34.98 -6.93 -26.45
N GLU A 334 -35.68 -8.00 -26.78
CA GLU A 334 -36.99 -8.28 -26.21
C GLU A 334 -37.12 -9.76 -25.92
N LYS A 335 -37.93 -10.07 -24.91
CA LYS A 335 -38.19 -11.45 -24.54
C LYS A 335 -39.65 -11.44 -24.10
N ASN A 336 -40.48 -12.24 -24.74
CA ASN A 336 -41.92 -12.25 -24.42
C ASN A 336 -42.52 -10.87 -24.70
N GLY A 337 -42.03 -10.22 -25.76
CA GLY A 337 -42.42 -8.85 -26.09
C GLY A 337 -42.01 -7.75 -25.10
N GLN A 338 -41.30 -8.11 -24.04
CA GLN A 338 -40.84 -7.14 -23.03
C GLN A 338 -39.39 -6.73 -23.32
N PRO A 339 -39.12 -5.42 -23.36
CA PRO A 339 -37.80 -4.90 -23.68
C PRO A 339 -36.78 -5.13 -22.56
N LEU A 340 -35.53 -5.31 -22.95
CA LEU A 340 -34.43 -5.47 -21.99
C LEU A 340 -34.04 -4.08 -21.49
N ARG A 341 -34.73 -3.65 -20.43
CA ARG A 341 -34.59 -2.30 -19.91
C ARG A 341 -34.20 -2.37 -18.42
N ILE A 342 -33.19 -1.60 -18.05
CA ILE A 342 -32.63 -1.63 -16.70
C ILE A 342 -32.49 -0.18 -16.22
N GLU A 343 -32.95 0.11 -15.01
CA GLU A 343 -32.79 1.47 -14.50
C GLU A 343 -31.52 1.57 -13.67
N LEU A 344 -30.70 2.57 -13.99
CA LEU A 344 -29.49 2.90 -13.25
C LEU A 344 -29.78 4.22 -12.53
N SER A 345 -29.95 4.14 -11.21
CA SER A 345 -30.17 5.35 -10.43
C SER A 345 -28.88 5.81 -9.77
N PHE A 346 -28.72 7.14 -9.72
CA PHE A 346 -27.52 7.75 -9.16
C PHE A 346 -27.84 9.18 -8.69
N ILE A 347 -26.90 9.79 -7.96
CA ILE A 347 -27.07 11.16 -7.50
C ILE A 347 -26.94 12.11 -8.68
N GLY A 348 -28.04 12.80 -8.98
CA GLY A 348 -28.18 13.50 -10.25
C GLY A 348 -27.24 14.69 -10.36
N THR A 349 -26.82 15.21 -9.23
CA THR A 349 -25.96 16.37 -9.23
C THR A 349 -24.47 16.01 -9.22
N ASP A 350 -24.15 14.73 -9.06
CA ASP A 350 -22.76 14.27 -9.02
C ASP A 350 -22.30 14.04 -10.46
N ALA A 351 -21.49 14.96 -10.96
CA ALA A 351 -21.05 14.94 -12.35
C ALA A 351 -20.26 13.68 -12.74
N LEU A 352 -19.44 13.18 -11.82
CA LEU A 352 -18.67 11.97 -12.10
C LEU A 352 -19.60 10.76 -12.25
N SER A 353 -20.55 10.60 -11.33
CA SER A 353 -21.57 9.57 -11.44
C SER A 353 -22.29 9.68 -12.77
N LYS A 354 -22.70 10.90 -13.15
CA LYS A 354 -23.44 11.06 -14.39
C LYS A 354 -22.58 10.67 -15.59
N SER A 355 -21.32 11.07 -15.57
CA SER A 355 -20.36 10.73 -16.63
C SER A 355 -20.20 9.21 -16.77
N MET A 356 -19.99 8.55 -15.64
CA MET A 356 -19.88 7.10 -15.66
C MET A 356 -21.16 6.45 -16.17
N ALA A 357 -22.31 6.97 -15.72
CA ALA A 357 -23.59 6.39 -16.07
C ALA A 357 -23.83 6.49 -17.59
N GLU A 358 -23.46 7.63 -18.18
CA GLU A 358 -23.59 7.82 -19.65
C GLU A 358 -22.74 6.81 -20.42
N ILE A 359 -21.53 6.58 -19.94
CA ILE A 359 -20.65 5.55 -20.53
C ILE A 359 -21.27 4.17 -20.41
N ILE A 360 -21.80 3.86 -19.23
CA ILE A 360 -22.40 2.54 -18.98
C ILE A 360 -23.61 2.34 -19.87
N GLN A 361 -24.43 3.38 -19.97
CA GLN A 361 -25.59 3.31 -20.83
C GLN A 361 -25.20 3.02 -22.29
N ALA A 362 -24.20 3.76 -22.79
CA ALA A 362 -23.73 3.57 -24.17
C ALA A 362 -23.18 2.15 -24.40
N ASP A 363 -22.36 1.66 -23.46
CA ASP A 363 -21.80 0.30 -23.59
C ASP A 363 -22.90 -0.77 -23.59
N MET A 364 -23.89 -0.62 -22.72
CA MET A 364 -24.93 -1.65 -22.64
C MET A 364 -25.89 -1.59 -23.85
N ARG A 365 -26.04 -0.42 -24.44
CA ARG A 365 -26.86 -0.31 -25.64
C ARG A 365 -26.24 -1.13 -26.75
N GLN A 366 -24.91 -1.11 -26.79
CA GLN A 366 -24.22 -1.84 -27.85
C GLN A 366 -24.44 -3.34 -27.79
N ILE A 367 -24.85 -3.87 -26.64
CA ILE A 367 -25.20 -5.30 -26.53
C ILE A 367 -26.73 -5.52 -26.47
N GLY A 368 -27.49 -4.46 -26.71
CA GLY A 368 -28.95 -4.55 -26.80
C GLY A 368 -29.73 -4.36 -25.52
N ALA A 369 -29.08 -3.77 -24.51
CA ALA A 369 -29.77 -3.44 -23.25
C ALA A 369 -30.01 -1.95 -23.16
N ASP A 370 -31.25 -1.59 -22.82
CA ASP A 370 -31.62 -0.20 -22.65
C ASP A 370 -31.53 0.23 -21.20
N VAL A 371 -30.51 1.02 -20.90
CA VAL A 371 -30.31 1.49 -19.55
C VAL A 371 -30.93 2.88 -19.46
N SER A 372 -31.88 3.02 -18.54
CA SER A 372 -32.52 4.29 -18.22
C SER A 372 -31.81 4.94 -17.06
N LEU A 373 -31.38 6.17 -17.28
CA LEU A 373 -30.67 6.95 -16.27
C LEU A 373 -31.66 7.68 -15.37
N ILE A 374 -31.60 7.37 -14.08
CA ILE A 374 -32.49 7.99 -13.10
C ILE A 374 -31.63 8.80 -12.13
N GLY A 375 -31.47 10.09 -12.40
CA GLY A 375 -30.66 10.95 -11.54
C GLY A 375 -31.57 11.62 -10.52
N GLU A 376 -31.30 11.39 -9.24
CA GLU A 376 -32.14 11.94 -8.16
C GLU A 376 -31.32 12.58 -7.06
N GLU A 377 -31.99 13.29 -6.14
CA GLU A 377 -31.31 13.88 -4.99
C GLU A 377 -30.80 12.79 -4.06
N GLU A 378 -29.80 13.15 -3.25
CA GLU A 378 -29.14 12.19 -2.37
C GLU A 378 -30.11 11.37 -1.50
N SER A 379 -31.08 12.06 -0.89
CA SER A 379 -32.06 11.40 -0.02
C SER A 379 -32.83 10.26 -0.70
N SER A 380 -33.24 10.49 -1.95
CA SER A 380 -34.00 9.51 -2.73
C SER A 380 -33.16 8.32 -3.12
N ILE A 381 -31.89 8.58 -3.44
CA ILE A 381 -30.97 7.49 -3.75
C ILE A 381 -30.71 6.63 -2.51
N TYR A 382 -30.51 7.28 -1.38
CA TYR A 382 -30.32 6.56 -0.13
C TYR A 382 -31.52 5.68 0.20
N ALA A 383 -32.70 6.20 -0.04
CA ALA A 383 -33.92 5.44 0.19
C ALA A 383 -34.03 4.25 -0.76
N ARG A 384 -33.59 4.43 -2.01
CA ARG A 384 -33.65 3.37 -3.01
C ARG A 384 -32.78 2.18 -2.64
N GLN A 385 -31.57 2.46 -2.14
CA GLN A 385 -30.58 1.43 -1.78
C GLN A 385 -31.07 0.66 -0.57
N ARG A 386 -31.63 1.40 0.39
CA ARG A 386 -32.13 0.83 1.63
C ARG A 386 -33.26 -0.15 1.36
N ASP A 387 -34.10 0.18 0.37
CA ASP A 387 -35.35 -0.54 0.15
C ASP A 387 -35.38 -1.41 -1.11
N GLY A 388 -34.26 -1.46 -1.85
CA GLY A 388 -34.19 -2.30 -3.06
C GLY A 388 -34.92 -1.75 -4.26
N ARG A 389 -35.15 -0.44 -4.29
CA ARG A 389 -35.85 0.19 -5.40
C ARG A 389 -34.86 0.64 -6.47
N PHE A 390 -34.18 -0.34 -7.06
CA PHE A 390 -33.21 -0.08 -8.09
C PHE A 390 -33.03 -1.29 -8.99
N GLY A 391 -32.59 -1.05 -10.21
CA GLY A 391 -32.13 -2.08 -11.11
C GLY A 391 -30.61 -2.21 -10.96
N MET A 392 -29.91 -1.11 -11.21
CA MET A 392 -28.48 -0.98 -10.89
C MET A 392 -28.21 0.31 -10.12
N ILE A 393 -27.22 0.26 -9.24
CA ILE A 393 -26.77 1.45 -8.56
C ILE A 393 -25.26 1.44 -8.48
N PHE A 394 -24.67 2.62 -8.40
CA PHE A 394 -23.27 2.75 -8.05
C PHE A 394 -23.11 2.41 -6.57
N HIS A 395 -22.00 1.76 -6.24
CA HIS A 395 -21.76 1.30 -4.89
C HIS A 395 -20.23 1.21 -4.74
N ARG A 396 -19.75 1.23 -3.51
CA ARG A 396 -18.33 1.10 -3.26
C ARG A 396 -18.11 0.25 -2.02
N THR A 397 -16.94 -0.36 -1.94
CA THR A 397 -16.48 -1.01 -0.72
C THR A 397 -15.85 0.02 0.22
N TRP A 398 -15.35 -0.45 1.35
CA TRP A 398 -15.15 0.45 2.48
C TRP A 398 -13.69 0.72 2.80
N GLY A 399 -12.80 -0.04 2.18
CA GLY A 399 -11.38 0.10 2.41
C GLY A 399 -10.93 -0.59 3.70
N ALA A 400 -9.63 -0.50 3.98
CA ALA A 400 -9.06 -1.13 5.19
C ALA A 400 -9.48 -0.33 6.40
N PRO A 401 -9.73 -1.00 7.55
CA PRO A 401 -9.74 -2.45 7.74
C PRO A 401 -11.12 -3.08 7.60
N TYR A 402 -12.06 -2.33 7.01
CA TYR A 402 -13.43 -2.83 6.79
C TYR A 402 -13.49 -3.98 5.79
N ASP A 403 -12.67 -3.89 4.75
CA ASP A 403 -12.68 -4.89 3.68
C ASP A 403 -11.71 -6.03 4.02
N PRO A 404 -12.18 -7.29 3.97
CA PRO A 404 -13.52 -7.69 3.54
C PRO A 404 -14.53 -7.94 4.68
N HIS A 405 -14.05 -8.13 5.92
CA HIS A 405 -14.92 -8.74 6.94
C HIS A 405 -16.16 -7.92 7.30
N ALA A 406 -16.01 -6.59 7.41
CA ALA A 406 -17.10 -5.72 7.86
C ALA A 406 -18.04 -5.48 6.71
N PHE A 407 -17.46 -5.29 5.51
CA PHE A 407 -18.30 -5.19 4.31
C PHE A 407 -19.16 -6.43 4.13
N LEU A 408 -18.60 -7.63 4.32
CA LEU A 408 -19.36 -8.87 4.19
C LEU A 408 -20.41 -8.91 5.30
N SER A 409 -19.98 -8.59 6.51
CA SER A 409 -20.88 -8.62 7.67
C SER A 409 -22.14 -7.83 7.37
N SER A 410 -21.96 -6.64 6.81
CA SER A 410 -23.09 -5.76 6.52
CA SER A 410 -23.07 -5.75 6.50
C SER A 410 -24.01 -6.25 5.40
N MET A 411 -23.57 -7.26 4.64
CA MET A 411 -24.42 -7.83 3.59
C MET A 411 -25.64 -8.52 4.16
N ARG A 412 -25.56 -8.82 5.45
CA ARG A 412 -26.66 -9.52 6.15
C ARG A 412 -27.76 -8.58 6.59
N VAL A 413 -27.45 -7.27 6.62
CA VAL A 413 -28.41 -6.23 7.07
C VAL A 413 -29.44 -5.90 5.96
N PRO A 414 -30.74 -6.20 6.19
CA PRO A 414 -31.68 -6.06 5.06
C PRO A 414 -31.88 -4.64 4.53
N SER A 415 -31.67 -3.65 5.38
CA SER A 415 -31.92 -2.26 5.01
C SER A 415 -30.67 -1.61 4.41
N HIS A 416 -29.96 -2.39 3.61
CA HIS A 416 -28.79 -1.87 2.93
C HIS A 416 -28.67 -2.45 1.54
N ALA A 417 -27.98 -1.70 0.69
CA ALA A 417 -27.86 -2.00 -0.74
C ALA A 417 -27.42 -3.42 -1.08
N ASP A 418 -26.43 -3.93 -0.35
CA ASP A 418 -25.86 -5.25 -0.69
C ASP A 418 -26.84 -6.38 -0.44
N PHE A 419 -27.51 -6.36 0.71
CA PHE A 419 -28.55 -7.37 0.95
C PHE A 419 -29.61 -7.27 -0.14
N GLN A 420 -30.06 -6.04 -0.41
CA GLN A 420 -31.12 -5.79 -1.38
C GLN A 420 -30.72 -6.30 -2.77
N ALA A 421 -29.47 -6.03 -3.17
CA ALA A 421 -28.99 -6.55 -4.46
C ALA A 421 -28.94 -8.06 -4.47
N GLN A 422 -28.66 -8.66 -3.32
CA GLN A 422 -28.48 -10.12 -3.26
C GLN A 422 -29.75 -10.91 -2.95
N GLN A 423 -30.86 -10.20 -2.75
CA GLN A 423 -32.06 -10.80 -2.13
C GLN A 423 -32.67 -11.91 -2.99
N GLY A 424 -32.51 -11.77 -4.30
CA GLY A 424 -33.04 -12.72 -5.26
C GLY A 424 -32.25 -14.01 -5.42
N LEU A 425 -31.05 -14.09 -4.82
CA LEU A 425 -30.24 -15.30 -5.01
C LEU A 425 -30.79 -16.48 -4.22
N ALA A 426 -30.92 -17.62 -4.88
CA ALA A 426 -31.35 -18.87 -4.23
C ALA A 426 -30.45 -19.23 -3.04
N ASP A 427 -29.15 -18.92 -3.14
CA ASP A 427 -28.23 -19.23 -2.06
C ASP A 427 -27.94 -18.06 -1.10
N LYS A 428 -28.78 -17.02 -1.12
CA LYS A 428 -28.60 -15.91 -0.17
C LYS A 428 -28.59 -16.38 1.28
N PRO A 429 -29.55 -17.26 1.67
CA PRO A 429 -29.49 -17.70 3.07
C PRO A 429 -28.19 -18.41 3.42
N LEU A 430 -27.69 -19.25 2.52
CA LEU A 430 -26.41 -19.95 2.71
C LEU A 430 -25.26 -18.93 2.85
N ILE A 431 -25.25 -17.93 1.97
CA ILE A 431 -24.24 -16.86 2.04
C ILE A 431 -24.22 -16.16 3.41
N ASP A 432 -25.39 -15.77 3.91
CA ASP A 432 -25.52 -15.06 5.17
C ASP A 432 -25.12 -15.96 6.36
N LYS A 433 -25.46 -17.23 6.25
CA LYS A 433 -25.02 -18.23 7.24
C LYS A 433 -23.50 -18.29 7.31
N GLU A 434 -22.87 -18.41 6.15
CA GLU A 434 -21.42 -18.50 6.03
C GLU A 434 -20.72 -17.21 6.47
N ILE A 435 -21.34 -16.05 6.21
CA ILE A 435 -20.80 -14.78 6.72
C ILE A 435 -20.78 -14.77 8.27
N GLY A 436 -21.88 -15.23 8.88
CA GLY A 436 -21.90 -15.38 10.34
C GLY A 436 -20.78 -16.28 10.81
N GLU A 437 -20.60 -17.41 10.12
CA GLU A 437 -19.60 -18.43 10.47
C GLU A 437 -18.16 -17.94 10.37
N VAL A 438 -17.88 -17.18 9.33
CA VAL A 438 -16.50 -16.72 9.08
C VAL A 438 -16.04 -15.74 10.15
N LEU A 439 -16.96 -14.95 10.70
CA LEU A 439 -16.64 -13.97 11.74
C LEU A 439 -16.38 -14.63 13.10
N ALA A 440 -17.00 -15.79 13.31
CA ALA A 440 -16.96 -16.50 14.59
C ALA A 440 -15.92 -17.60 14.62
N THR A 441 -15.47 -18.03 13.46
CA THR A 441 -14.65 -19.21 13.40
C THR A 441 -13.25 -18.97 13.97
N HIS A 442 -12.77 -20.03 14.63
CA HIS A 442 -11.51 -20.10 15.32
C HIS A 442 -10.48 -20.76 14.38
N ASP A 443 -11.00 -21.63 13.52
CA ASP A 443 -10.22 -22.44 12.61
C ASP A 443 -9.84 -21.58 11.41
N GLU A 444 -8.55 -21.32 11.26
CA GLU A 444 -8.07 -20.45 10.21
C GLU A 444 -8.21 -21.02 8.79
N THR A 445 -8.06 -22.33 8.63
CA THR A 445 -8.30 -22.89 7.30
C THR A 445 -9.79 -22.81 6.96
N GLN A 446 -10.67 -23.04 7.94
CA GLN A 446 -12.11 -22.88 7.73
C GLN A 446 -12.46 -21.43 7.36
N ARG A 447 -11.79 -20.49 8.02
CA ARG A 447 -12.02 -19.07 7.76
C ARG A 447 -11.68 -18.75 6.31
N GLN A 448 -10.52 -19.20 5.85
CA GLN A 448 -10.14 -18.98 4.45
C GLN A 448 -11.12 -19.64 3.47
N ALA A 449 -11.59 -20.84 3.82
CA ALA A 449 -12.50 -21.58 2.96
C ALA A 449 -13.85 -20.89 2.87
N LEU A 450 -14.28 -20.32 3.99
CA LEU A 450 -15.57 -19.64 4.04
C LEU A 450 -15.50 -18.33 3.25
N TYR A 451 -14.45 -17.55 3.48
CA TYR A 451 -14.24 -16.37 2.61
C TYR A 451 -14.20 -16.73 1.13
N ARG A 452 -13.47 -17.79 0.78
CA ARG A 452 -13.43 -18.25 -0.62
C ARG A 452 -14.84 -18.53 -1.13
N ASP A 453 -15.64 -19.29 -0.36
CA ASP A 453 -16.96 -19.69 -0.82
C ASP A 453 -17.90 -18.50 -1.00
N ILE A 454 -17.91 -17.60 -0.04
CA ILE A 454 -18.76 -16.43 -0.10
C ILE A 454 -18.40 -15.57 -1.33
N LEU A 455 -17.10 -15.26 -1.45
CA LEU A 455 -16.67 -14.39 -2.52
C LEU A 455 -16.80 -15.05 -3.89
N THR A 456 -16.61 -16.37 -3.93
CA THR A 456 -16.77 -17.10 -5.17
C THR A 456 -18.23 -17.15 -5.60
N ARG A 457 -19.16 -17.35 -4.66
CA ARG A 457 -20.57 -17.32 -5.03
C ARG A 457 -20.97 -15.93 -5.52
N LEU A 458 -20.54 -14.89 -4.83
CA LEU A 458 -20.90 -13.53 -5.24
C LEU A 458 -20.37 -13.16 -6.62
N HIS A 459 -19.16 -13.63 -6.90
CA HIS A 459 -18.51 -13.44 -8.19
C HIS A 459 -19.23 -14.25 -9.26
N ASP A 460 -19.38 -15.56 -9.03
CA ASP A 460 -19.99 -16.43 -10.04
C ASP A 460 -21.42 -16.09 -10.36
N GLU A 461 -22.13 -15.52 -9.37
CA GLU A 461 -23.53 -15.13 -9.51
C GLU A 461 -23.69 -13.70 -10.04
N ALA A 462 -22.55 -13.06 -10.31
CA ALA A 462 -22.52 -11.77 -11.00
C ALA A 462 -23.45 -10.77 -10.32
N VAL A 463 -23.40 -10.74 -8.98
CA VAL A 463 -24.17 -9.76 -8.21
C VAL A 463 -23.65 -8.35 -8.47
N TYR A 464 -22.35 -8.20 -8.65
CA TYR A 464 -21.80 -6.87 -8.86
C TYR A 464 -21.25 -6.76 -10.27
N LEU A 465 -21.00 -5.53 -10.69
CA LEU A 465 -20.21 -5.26 -11.89
C LEU A 465 -19.05 -4.37 -11.42
N PRO A 466 -17.91 -4.99 -11.02
CA PRO A 466 -16.80 -4.18 -10.53
C PRO A 466 -16.29 -3.26 -11.66
N ILE A 467 -15.98 -2.02 -11.32
CA ILE A 467 -15.54 -1.06 -12.32
C ILE A 467 -14.06 -0.68 -12.13
N SER A 468 -13.70 -0.19 -10.95
CA SER A 468 -12.40 0.42 -10.73
C SER A 468 -11.97 0.26 -9.28
N TYR A 469 -10.66 0.16 -9.07
CA TYR A 469 -10.11 0.32 -7.72
C TYR A 469 -9.58 1.73 -7.67
N ILE A 470 -10.15 2.51 -6.76
CA ILE A 470 -9.89 3.95 -6.70
C ILE A 470 -8.87 4.30 -5.64
N SER A 471 -8.25 5.46 -5.82
CA SER A 471 -7.16 5.88 -4.96
C SER A 471 -7.51 7.16 -4.21
N MET A 472 -6.76 7.40 -3.15
CA MET A 472 -6.79 8.67 -2.47
C MET A 472 -5.96 9.66 -3.30
N MET A 473 -6.35 10.92 -3.28
CA MET A 473 -5.67 11.98 -4.04
C MET A 473 -5.37 13.18 -3.15
N VAL A 474 -4.26 13.84 -3.44
CA VAL A 474 -3.84 14.96 -2.65
C VAL A 474 -3.46 16.08 -3.59
N VAL A 475 -3.86 17.30 -3.26
CA VAL A 475 -3.32 18.51 -3.93
C VAL A 475 -2.86 19.41 -2.80
N SER A 476 -1.62 19.91 -2.86
CA SER A 476 -1.10 20.72 -1.76
C SER A 476 -0.11 21.79 -2.20
N LYS A 477 -0.06 22.87 -1.42
CA LYS A 477 1.05 23.84 -1.59
C LYS A 477 2.38 23.10 -1.31
N PRO A 478 3.39 23.28 -2.18
CA PRO A 478 4.66 22.55 -2.00
C PRO A 478 5.31 22.72 -0.62
N GLU A 479 5.10 23.89 -0.01
CA GLU A 479 5.65 24.19 1.31
C GLU A 479 5.24 23.18 2.38
N LEU A 480 4.09 22.51 2.20
CA LEU A 480 3.64 21.51 3.18
C LEU A 480 4.42 20.21 3.13
N GLY A 481 5.09 19.95 2.01
CA GLY A 481 5.91 18.73 1.89
C GLY A 481 5.10 17.52 1.49
N ASN A 482 5.73 16.35 1.60
CA ASN A 482 5.06 15.11 1.30
C ASN A 482 3.91 14.89 2.30
N ILE A 483 2.74 14.49 1.78
CA ILE A 483 1.57 14.31 2.64
C ILE A 483 1.34 12.80 2.87
N PRO A 484 1.42 12.35 4.15
CA PRO A 484 1.23 10.91 4.39
C PRO A 484 -0.23 10.46 4.29
N TYR A 485 -0.43 9.16 4.18
CA TYR A 485 -1.75 8.57 4.21
C TYR A 485 -1.95 7.84 5.53
N ALA A 486 -3.19 7.77 6.00
CA ALA A 486 -3.48 6.97 7.18
C ALA A 486 -3.84 5.53 6.78
N PRO A 487 -3.53 4.55 7.67
CA PRO A 487 -3.90 3.16 7.41
C PRO A 487 -5.40 2.96 7.20
N ILE A 488 -6.22 3.71 7.94
CA ILE A 488 -7.66 3.63 7.75
C ILE A 488 -8.05 4.61 6.67
N ALA A 489 -8.69 4.08 5.62
CA ALA A 489 -9.03 4.86 4.42
C ALA A 489 -9.85 6.13 4.67
N THR A 490 -10.61 6.18 5.76
CA THR A 490 -11.46 7.34 6.07
C THR A 490 -10.80 8.42 6.93
N GLU A 491 -9.57 8.18 7.37
CA GLU A 491 -8.87 9.11 8.25
C GLU A 491 -7.89 9.96 7.46
N ILE A 492 -7.63 11.17 7.96
CA ILE A 492 -6.63 12.08 7.38
C ILE A 492 -5.60 12.37 8.44
N PRO A 493 -4.33 12.00 8.18
CA PRO A 493 -3.29 12.05 9.22
C PRO A 493 -2.67 13.42 9.41
N PHE A 494 -3.46 14.42 9.79
CA PHE A 494 -2.94 15.76 9.97
C PHE A 494 -1.77 15.84 10.93
N GLU A 495 -1.76 14.99 11.95
CA GLU A 495 -0.70 15.04 12.96
C GLU A 495 0.66 14.54 12.45
N GLN A 496 0.67 13.95 11.25
CA GLN A 496 1.90 13.41 10.64
C GLN A 496 2.48 14.36 9.60
N ILE A 497 1.73 15.42 9.26
CA ILE A 497 2.22 16.45 8.33
C ILE A 497 3.36 17.22 9.00
N LYS A 498 4.48 17.32 8.29
CA LYS A 498 5.71 17.88 8.85
C LYS A 498 6.38 18.71 7.75
N PRO A 499 6.04 20.02 7.66
CA PRO A 499 6.66 20.96 6.72
C PRO A 499 8.16 21.15 7.01
N VAL A 500 8.51 21.04 8.30
CA VAL A 500 9.91 21.04 8.74
C VAL A 500 10.72 22.28 8.35
N ALA B 2 5.75 -28.00 17.53
CA ALA B 2 5.70 -27.85 16.04
C ALA B 2 4.55 -26.96 15.52
N PRO B 3 3.49 -26.73 16.34
CA PRO B 3 2.54 -25.63 16.05
C PRO B 3 3.17 -24.23 16.18
N ASP B 4 4.32 -24.13 16.84
CA ASP B 4 5.02 -22.86 17.00
C ASP B 4 6.43 -22.91 16.37
N GLU B 5 6.58 -23.77 15.38
CA GLU B 5 7.80 -23.87 14.57
C GLU B 5 7.43 -23.89 13.10
N ILE B 6 8.14 -23.12 12.30
CA ILE B 6 7.86 -23.06 10.85
C ILE B 6 9.12 -23.34 10.04
N THR B 7 8.91 -23.77 8.81
CA THR B 7 9.99 -23.98 7.85
C THR B 7 9.65 -23.18 6.60
N THR B 8 10.67 -22.53 6.06
CA THR B 8 10.50 -21.76 4.84
C THR B 8 11.73 -22.00 3.95
N ALA B 9 11.95 -21.14 2.96
CA ALA B 9 13.05 -21.36 2.04
C ALA B 9 13.67 -20.04 1.66
N TRP B 10 14.94 -20.11 1.29
CA TRP B 10 15.65 -19.00 0.68
C TRP B 10 16.61 -19.59 -0.36
N PRO B 11 16.93 -18.85 -1.45
CA PRO B 11 17.79 -19.43 -2.50
C PRO B 11 19.24 -19.67 -2.07
N VAL B 12 19.68 -18.94 -1.04
CA VAL B 12 21.04 -19.05 -0.53
C VAL B 12 21.02 -19.09 1.00
N ASN B 13 22.13 -19.47 1.63
CA ASN B 13 22.27 -19.28 3.08
C ASN B 13 22.21 -17.80 3.45
N VAL B 14 21.84 -17.53 4.70
CA VAL B 14 21.71 -16.14 5.17
C VAL B 14 23.06 -15.40 5.24
N GLY B 15 24.15 -16.16 5.25
CA GLY B 15 25.50 -15.61 5.39
C GLY B 15 25.92 -15.48 6.83
N PRO B 16 27.05 -14.79 7.09
CA PRO B 16 27.57 -14.62 8.47
C PRO B 16 26.75 -13.70 9.38
N LEU B 17 25.90 -12.87 8.77
CA LEU B 17 25.12 -11.84 9.48
C LEU B 17 25.99 -10.81 10.20
N ASN B 18 26.97 -10.33 9.45
CA ASN B 18 27.65 -9.12 9.79
C ASN B 18 26.66 -7.99 9.53
N PRO B 19 26.34 -7.19 10.56
CA PRO B 19 25.33 -6.15 10.39
C PRO B 19 25.79 -5.01 9.48
N HIS B 20 27.09 -4.90 9.25
CA HIS B 20 27.65 -3.71 8.60
C HIS B 20 28.15 -3.97 7.19
N LEU B 21 27.95 -5.18 6.69
CA LEU B 21 28.43 -5.55 5.35
C LEU B 21 27.28 -6.00 4.46
N TYR B 22 27.59 -6.21 3.18
CA TYR B 22 26.57 -6.45 2.16
C TYR B 22 26.66 -7.90 1.74
N THR B 23 26.76 -8.20 0.44
CA THR B 23 26.81 -9.61 0.02
C THR B 23 27.98 -10.28 0.75
N PRO B 24 27.83 -11.56 1.18
CA PRO B 24 26.73 -12.49 1.02
C PRO B 24 25.64 -12.43 2.10
N ASN B 25 25.67 -11.43 2.98
CA ASN B 25 24.60 -11.27 3.99
C ASN B 25 23.27 -10.98 3.33
N GLN B 26 22.24 -11.73 3.74
CA GLN B 26 20.88 -11.53 3.25
C GLN B 26 20.15 -10.53 4.14
N MET B 27 19.63 -9.48 3.52
CA MET B 27 19.07 -8.36 4.27
C MET B 27 17.96 -8.77 5.21
N PHE B 28 17.11 -9.71 4.79
CA PHE B 28 15.96 -10.06 5.65
C PHE B 28 16.48 -10.65 6.98
N ALA B 29 17.59 -11.37 6.87
CA ALA B 29 18.17 -12.07 8.02
C ALA B 29 18.90 -11.10 8.95
N GLN B 30 19.59 -10.12 8.37
CA GLN B 30 20.13 -9.05 9.19
C GLN B 30 19.00 -8.35 9.95
N SER B 31 17.87 -8.15 9.27
CA SER B 31 16.76 -7.48 9.90
C SER B 31 16.10 -8.30 11.01
N MET B 32 16.30 -9.61 10.97
CA MET B 32 15.75 -10.51 12.00
C MET B 32 16.52 -10.42 13.32
N VAL B 33 17.82 -10.17 13.20
CA VAL B 33 18.77 -10.23 14.31
C VAL B 33 19.10 -8.83 14.83
N TYR B 34 19.21 -7.87 13.93
CA TYR B 34 19.67 -6.54 14.27
C TYR B 34 18.59 -5.50 14.16
N GLU B 35 18.71 -4.49 15.01
CA GLU B 35 17.67 -3.48 15.15
C GLU B 35 18.22 -2.09 15.01
N PRO B 36 17.36 -1.14 14.59
CA PRO B 36 17.77 0.24 14.39
C PRO B 36 17.35 1.12 15.56
N LEU B 37 17.90 2.34 15.60
CA LEU B 37 17.54 3.35 16.61
C LEU B 37 16.08 3.78 16.50
N VAL B 38 15.60 3.84 15.26
CA VAL B 38 14.22 4.25 14.94
C VAL B 38 13.68 3.30 13.86
N LYS B 39 12.37 3.04 13.88
CA LYS B 39 11.77 2.02 13.02
C LYS B 39 10.86 2.63 11.95
N TYR B 40 11.03 2.15 10.72
CA TYR B 40 10.25 2.65 9.59
C TYR B 40 8.79 2.22 9.65
N GLN B 41 7.88 3.15 9.34
CA GLN B 41 6.45 2.85 9.29
C GLN B 41 5.92 3.00 7.87
N ALA B 42 4.85 2.28 7.57
CA ALA B 42 4.24 2.30 6.24
C ALA B 42 3.84 3.69 5.75
N ASP B 43 3.49 4.59 6.67
CA ASP B 43 3.14 5.96 6.26
C ASP B 43 4.35 6.84 5.95
N GLY B 44 5.55 6.28 6.12
CA GLY B 44 6.75 7.01 5.76
C GLY B 44 7.43 7.70 6.92
N SER B 45 6.83 7.59 8.11
CA SER B 45 7.42 8.20 9.29
C SER B 45 8.32 7.17 9.95
N VAL B 46 9.02 7.57 11.01
CA VAL B 46 9.65 6.59 11.91
C VAL B 46 9.04 6.70 13.32
N ILE B 47 9.09 5.59 14.06
CA ILE B 47 8.71 5.58 15.48
C ILE B 47 9.97 5.30 16.32
N PRO B 48 9.98 5.75 17.59
CA PRO B 48 11.11 5.39 18.46
C PRO B 48 11.28 3.88 18.49
N TRP B 49 12.54 3.43 18.50
CA TRP B 49 12.80 2.01 18.60
C TRP B 49 13.84 1.78 19.71
N LEU B 50 15.08 1.45 19.35
CA LEU B 50 16.16 1.34 20.33
C LEU B 50 16.45 2.67 21.01
N ALA B 51 16.23 3.76 20.28
CA ALA B 51 16.22 5.08 20.88
C ALA B 51 14.79 5.39 21.32
N LYS B 52 14.62 5.65 22.62
CA LYS B 52 13.34 6.02 23.24
C LYS B 52 12.83 7.35 22.74
N SER B 53 13.75 8.31 22.60
CA SER B 53 13.41 9.69 22.30
C SER B 53 14.65 10.42 21.77
N TRP B 54 14.46 11.60 21.19
CA TRP B 54 15.58 12.38 20.63
C TRP B 54 15.31 13.88 20.52
N THR B 55 16.38 14.66 20.60
CA THR B 55 16.33 16.11 20.42
C THR B 55 17.42 16.52 19.43
N HIS B 56 17.24 17.67 18.81
CA HIS B 56 18.26 18.18 17.90
C HIS B 56 18.46 19.68 18.09
N SER B 57 19.70 20.13 17.86
CA SER B 57 20.04 21.55 17.91
C SER B 57 19.19 22.34 16.90
N GLU B 58 19.13 23.66 17.07
CA GLU B 58 18.33 24.51 16.18
C GLU B 58 18.78 24.42 14.73
N ASP B 59 20.09 24.26 14.51
CA ASP B 59 20.68 24.11 13.17
C ASP B 59 20.44 22.71 12.56
N GLY B 60 19.85 21.81 13.35
CA GLY B 60 19.48 20.46 12.91
C GLY B 60 20.61 19.48 12.66
N LYS B 61 21.81 19.83 13.11
CA LYS B 61 23.03 19.06 12.79
C LYS B 61 23.51 18.17 13.93
N THR B 62 23.22 18.58 15.16
CA THR B 62 23.60 17.81 16.34
C THR B 62 22.34 17.17 16.91
N TRP B 63 22.39 15.85 17.04
CA TRP B 63 21.25 15.08 17.50
C TRP B 63 21.68 14.28 18.72
N THR B 64 20.87 14.30 19.75
CA THR B 64 21.14 13.45 20.90
C THR B 64 19.95 12.51 21.10
N PHE B 65 20.22 11.22 20.99
CA PHE B 65 19.22 10.21 21.20
C PHE B 65 19.31 9.69 22.63
N THR B 66 18.15 9.57 23.27
CA THR B 66 18.06 8.88 24.55
C THR B 66 17.65 7.44 24.27
N LEU B 67 18.56 6.53 24.57
CA LEU B 67 18.35 5.12 24.29
C LEU B 67 17.46 4.48 25.33
N ARG B 68 16.71 3.45 24.93
CA ARG B 68 16.01 2.62 25.89
C ARG B 68 17.04 2.11 26.90
N ASP B 69 16.63 1.97 28.16
CA ASP B 69 17.57 1.49 29.18
C ASP B 69 17.33 0.03 29.55
N ASP B 70 16.43 -0.62 28.82
CA ASP B 70 15.96 -1.96 29.16
C ASP B 70 16.31 -3.05 28.14
N VAL B 71 17.28 -2.76 27.28
CA VAL B 71 17.54 -3.58 26.09
C VAL B 71 18.85 -4.37 26.21
N LYS B 72 18.77 -5.68 26.03
CA LYS B 72 19.99 -6.52 26.06
C LYS B 72 20.22 -7.15 24.69
N PHE B 73 21.50 -7.34 24.35
CA PHE B 73 21.85 -8.22 23.25
C PHE B 73 21.46 -9.64 23.63
N SER B 74 21.31 -10.53 22.66
CA SER B 74 20.80 -11.88 22.92
C SER B 74 21.70 -12.72 23.85
N ASN B 75 22.94 -12.29 24.03
CA ASN B 75 23.85 -12.93 24.99
C ASN B 75 23.80 -12.31 26.39
N GLY B 76 22.90 -11.34 26.58
CA GLY B 76 22.70 -10.69 27.88
C GLY B 76 23.45 -9.39 28.06
N GLU B 77 24.37 -9.09 27.15
CA GLU B 77 25.15 -7.87 27.27
C GLU B 77 24.29 -6.62 27.02
N PRO B 78 24.57 -5.53 27.74
CA PRO B 78 23.66 -4.39 27.63
C PRO B 78 23.85 -3.62 26.32
N PHE B 79 22.73 -3.22 25.73
CA PHE B 79 22.77 -2.21 24.69
C PHE B 79 22.73 -0.86 25.36
N ASP B 80 23.80 -0.10 25.20
CA ASP B 80 23.92 1.22 25.81
C ASP B 80 24.55 2.17 24.81
N ALA B 81 24.66 3.44 25.19
CA ALA B 81 25.22 4.46 24.31
C ALA B 81 26.61 4.11 23.81
N GLU B 82 27.43 3.52 24.68
CA GLU B 82 28.78 3.11 24.30
C GLU B 82 28.76 1.99 23.25
N ALA B 83 27.86 1.01 23.40
CA ALA B 83 27.75 -0.06 22.42
C ALA B 83 27.29 0.48 21.06
N ALA B 84 26.34 1.41 21.09
CA ALA B 84 25.87 2.06 19.85
C ALA B 84 26.99 2.87 19.18
N ALA B 85 27.76 3.59 19.98
CA ALA B 85 28.83 4.44 19.45
C ALA B 85 29.93 3.62 18.79
N GLU B 86 30.21 2.46 19.39
CA GLU B 86 31.23 1.57 18.86
C GLU B 86 30.82 1.04 17.50
N ASN B 87 29.53 0.77 17.33
CA ASN B 87 28.99 0.31 16.05
C ASN B 87 29.11 1.39 14.97
N PHE B 88 28.74 2.63 15.29
CA PHE B 88 28.90 3.73 14.33
C PHE B 88 30.33 3.84 13.88
N ARG B 89 31.26 3.78 14.83
CA ARG B 89 32.67 3.81 14.51
C ARG B 89 33.07 2.64 13.60
N ALA B 90 32.61 1.43 13.96
CA ALA B 90 32.90 0.25 13.14
C ALA B 90 32.42 0.43 11.68
N VAL B 91 31.21 0.95 11.52
CA VAL B 91 30.63 1.16 10.19
C VAL B 91 31.44 2.23 9.44
N LEU B 92 31.71 3.34 10.12
CA LEU B 92 32.36 4.47 9.45
C LEU B 92 33.88 4.30 9.23
N ASP B 93 34.51 3.34 9.90
CA ASP B 93 35.86 2.91 9.53
C ASP B 93 35.91 2.36 8.10
N ASN B 94 34.73 2.04 7.56
CA ASN B 94 34.58 1.47 6.22
C ASN B 94 33.68 2.38 5.37
N ARG B 95 33.77 3.69 5.64
CA ARG B 95 32.87 4.69 5.06
C ARG B 95 32.65 4.60 3.55
N GLN B 96 33.74 4.37 2.81
CA GLN B 96 33.71 4.36 1.35
C GLN B 96 32.81 3.25 0.72
N ARG B 97 32.65 2.13 1.43
CA ARG B 97 31.75 1.05 0.99
C ARG B 97 30.27 1.42 1.15
N HIS B 98 29.99 2.46 1.93
CA HIS B 98 28.64 2.93 2.19
C HIS B 98 28.34 4.23 1.43
N ALA B 99 29.17 4.51 0.42
CA ALA B 99 29.04 5.72 -0.44
C ALA B 99 27.65 5.92 -1.02
N TRP B 100 26.99 4.82 -1.41
CA TRP B 100 25.63 4.86 -1.97
C TRP B 100 24.62 5.52 -1.03
N LEU B 101 24.89 5.44 0.27
CA LEU B 101 23.99 5.96 1.29
C LEU B 101 24.52 7.29 1.83
N GLU B 102 23.77 8.37 1.57
CA GLU B 102 24.28 9.71 1.90
C GLU B 102 24.53 9.97 3.39
N LEU B 103 23.76 9.31 4.26
CA LEU B 103 23.99 9.39 5.70
C LEU B 103 25.43 9.03 6.09
N ALA B 104 25.99 8.03 5.41
CA ALA B 104 27.37 7.62 5.68
C ALA B 104 28.37 8.71 5.35
N ASN B 105 28.02 9.58 4.41
CA ASN B 105 28.86 10.74 4.05
C ASN B 105 28.59 11.92 5.00
N GLN B 106 27.46 11.87 5.69
CA GLN B 106 27.00 12.96 6.56
C GLN B 106 27.54 12.94 7.99
N ILE B 107 27.68 11.74 8.56
CA ILE B 107 28.10 11.61 9.96
C ILE B 107 29.55 12.06 10.16
N VAL B 108 29.71 13.04 11.06
CA VAL B 108 30.99 13.66 11.35
C VAL B 108 31.56 13.12 12.66
N ASP B 109 30.69 12.96 13.65
CA ASP B 109 31.11 12.47 14.95
C ASP B 109 29.95 11.71 15.61
N VAL B 110 30.28 10.71 16.40
CA VAL B 110 29.32 10.02 17.27
C VAL B 110 29.98 9.86 18.64
N LYS B 111 29.28 10.32 19.68
CA LYS B 111 29.83 10.27 21.04
C LYS B 111 28.79 9.79 22.02
N ALA B 112 29.20 8.90 22.93
CA ALA B 112 28.33 8.49 24.02
C ALA B 112 28.46 9.52 25.14
N LEU B 113 27.40 10.31 25.35
CA LEU B 113 27.43 11.37 26.36
C LEU B 113 27.28 10.82 27.77
N SER B 114 26.47 9.76 27.88
CA SER B 114 26.24 9.04 29.14
C SER B 114 26.01 7.57 28.79
N LYS B 115 25.41 6.80 29.70
CA LYS B 115 25.09 5.40 29.43
C LYS B 115 23.91 5.25 28.47
N THR B 116 22.99 6.20 28.51
CA THR B 116 21.77 6.15 27.70
C THR B 116 21.66 7.28 26.68
N GLU B 117 22.66 8.16 26.63
CA GLU B 117 22.61 9.35 25.78
C GLU B 117 23.67 9.28 24.67
N LEU B 118 23.20 9.26 23.43
CA LEU B 118 24.05 9.06 22.26
C LEU B 118 24.00 10.29 21.35
N GLN B 119 25.15 10.88 21.07
CA GLN B 119 25.18 12.12 20.30
C GLN B 119 25.79 11.93 18.91
N ILE B 120 24.98 12.21 17.89
CA ILE B 120 25.44 12.13 16.50
C ILE B 120 25.49 13.53 15.90
N THR B 121 26.63 13.89 15.33
CA THR B 121 26.74 15.15 14.61
C THR B 121 26.93 14.92 13.13
N LEU B 122 26.27 15.76 12.33
CA LEU B 122 26.25 15.64 10.88
C LEU B 122 26.88 16.88 10.23
N LYS B 123 27.26 16.74 8.97
CA LYS B 123 27.74 17.86 8.14
C LYS B 123 26.67 18.93 7.94
N SER B 124 25.41 18.51 7.96
CA SER B 124 24.27 19.35 7.58
C SER B 124 22.97 18.81 8.15
N ALA B 125 21.91 19.61 8.09
CA ALA B 125 20.58 19.18 8.57
C ALA B 125 19.90 18.29 7.52
N TYR B 126 20.23 17.01 7.60
CA TYR B 126 19.93 16.04 6.55
C TYR B 126 18.51 15.48 6.72
N TYR B 127 17.65 15.73 5.74
CA TYR B 127 16.20 15.39 5.84
C TYR B 127 15.85 13.90 6.02
N PRO B 128 16.52 12.98 5.28
CA PRO B 128 16.17 11.57 5.47
C PRO B 128 17.02 10.86 6.54
N PHE B 129 17.69 11.63 7.39
CA PHE B 129 18.51 11.11 8.50
C PHE B 129 17.84 9.94 9.21
N LEU B 130 16.65 10.17 9.77
CA LEU B 130 15.95 9.13 10.50
C LEU B 130 15.56 7.93 9.64
N GLN B 131 15.11 8.18 8.41
CA GLN B 131 14.72 7.07 7.55
C GLN B 131 15.94 6.22 7.18
N GLU B 132 17.10 6.86 7.09
CA GLU B 132 18.34 6.14 6.78
C GLU B 132 18.88 5.35 7.96
N LEU B 133 18.65 5.86 9.17
CA LEU B 133 18.94 5.10 10.39
C LEU B 133 18.03 3.88 10.50
N ALA B 134 16.83 3.96 9.92
CA ALA B 134 15.86 2.86 9.98
C ALA B 134 16.16 1.68 9.04
N LEU B 135 17.10 1.85 8.12
CA LEU B 135 17.33 0.84 7.06
C LEU B 135 17.90 -0.45 7.63
N PRO B 136 17.66 -1.59 6.95
CA PRO B 136 18.22 -2.88 7.37
C PRO B 136 19.72 -2.85 7.66
N ARG B 137 20.47 -2.06 6.89
CA ARG B 137 21.91 -1.97 7.06
C ARG B 137 22.40 -0.67 6.40
N PRO B 138 23.56 -0.14 6.85
CA PRO B 138 24.48 -0.72 7.84
C PRO B 138 24.33 -0.26 9.31
N PHE B 139 23.38 0.65 9.61
CA PHE B 139 23.36 1.28 10.95
C PHE B 139 22.51 0.54 11.98
N ARG B 140 22.80 -0.75 12.15
CA ARG B 140 22.21 -1.54 13.22
C ARG B 140 23.32 -2.19 14.06
N PHE B 141 22.92 -2.79 15.18
CA PHE B 141 23.85 -2.92 16.32
C PHE B 141 24.18 -4.35 16.73
N ILE B 142 25.46 -4.69 16.63
CA ILE B 142 25.98 -5.98 17.11
C ILE B 142 26.71 -5.72 18.44
N ALA B 143 26.64 -6.68 19.36
CA ALA B 143 27.38 -6.59 20.62
C ALA B 143 28.85 -6.35 20.31
N PRO B 144 29.43 -5.28 20.87
CA PRO B 144 30.84 -4.95 20.56
C PRO B 144 31.86 -6.05 20.98
N SER B 145 31.45 -6.90 21.91
CA SER B 145 32.19 -8.11 22.27
C SER B 145 32.42 -9.02 21.08
N GLN B 146 31.63 -8.84 20.02
CA GLN B 146 31.74 -9.67 18.83
C GLN B 146 32.51 -9.02 17.67
N PHE B 147 33.05 -7.82 17.91
CA PHE B 147 33.96 -7.19 16.96
C PHE B 147 35.19 -8.09 16.83
N LYS B 148 35.92 -7.97 15.72
CA LYS B 148 37.24 -8.57 15.62
C LYS B 148 38.24 -7.42 15.59
N ASN B 149 39.14 -7.38 16.57
CA ASN B 149 40.15 -6.31 16.63
C ASN B 149 39.51 -4.92 16.60
N HIS B 150 38.42 -4.77 17.36
CA HIS B 150 37.69 -3.50 17.49
C HIS B 150 37.04 -3.02 16.19
N GLU B 151 36.91 -3.93 15.21
CA GLU B 151 36.29 -3.64 13.92
C GLU B 151 35.23 -4.69 13.54
N THR B 152 34.40 -4.36 12.56
CA THR B 152 33.50 -5.33 11.93
C THR B 152 33.78 -5.47 10.44
N MET B 153 34.51 -4.51 9.86
CA MET B 153 34.74 -4.50 8.41
C MET B 153 35.50 -5.71 7.87
N ASN B 154 36.25 -6.39 8.75
CA ASN B 154 37.03 -7.56 8.37
C ASN B 154 36.43 -8.87 8.87
N GLY B 155 35.24 -8.78 9.48
CA GLY B 155 34.63 -9.95 10.08
C GLY B 155 34.11 -9.69 11.49
N ILE B 156 33.25 -10.59 11.92
CA ILE B 156 32.72 -10.62 13.27
C ILE B 156 32.93 -12.02 13.85
N LYS B 157 32.70 -12.15 15.14
CA LYS B 157 32.69 -13.45 15.80
C LYS B 157 31.28 -14.04 15.66
N ALA B 158 30.43 -13.89 16.67
CA ALA B 158 29.05 -14.38 16.54
C ALA B 158 28.09 -13.22 16.21
N PRO B 159 27.00 -13.50 15.46
CA PRO B 159 26.06 -12.44 15.06
C PRO B 159 25.06 -12.08 16.17
N ILE B 160 25.55 -11.38 17.18
CA ILE B 160 24.78 -11.14 18.39
C ILE B 160 24.08 -9.78 18.33
N GLY B 161 22.78 -9.79 18.07
CA GLY B 161 22.00 -8.56 18.01
C GLY B 161 21.03 -8.42 19.18
N THR B 162 20.19 -7.38 19.11
CA THR B 162 19.15 -7.13 20.11
C THR B 162 17.79 -7.68 19.67
N GLY B 163 17.75 -8.23 18.46
CA GLY B 163 16.48 -8.54 17.79
C GLY B 163 15.73 -9.75 18.31
N PRO B 164 14.49 -9.95 17.84
CA PRO B 164 13.61 -11.04 18.33
C PRO B 164 14.04 -12.43 17.86
N TRP B 165 15.02 -12.49 16.97
CA TRP B 165 15.51 -13.77 16.45
C TRP B 165 17.02 -13.96 16.65
N ILE B 166 17.41 -15.20 16.93
CA ILE B 166 18.82 -15.58 17.11
C ILE B 166 19.22 -16.64 16.08
N LEU B 167 20.32 -16.43 15.34
CA LEU B 167 20.79 -17.48 14.43
C LEU B 167 21.43 -18.61 15.25
N GLN B 168 20.81 -19.78 15.21
CA GLN B 168 21.25 -20.92 16.00
C GLN B 168 22.16 -21.88 15.22
N GLU B 169 21.85 -22.09 13.95
CA GLU B 169 22.58 -23.07 13.15
C GLU B 169 22.61 -22.65 11.68
N SER B 170 23.72 -22.94 11.02
CA SER B 170 23.90 -22.62 9.62
C SER B 170 24.69 -23.75 8.96
N LYS B 171 24.05 -24.49 8.06
CA LYS B 171 24.73 -25.53 7.28
C LYS B 171 24.80 -25.14 5.80
N LEU B 172 26.03 -24.93 5.32
CA LEU B 172 26.28 -24.46 3.96
C LEU B 172 25.50 -25.25 2.90
N ASN B 173 24.83 -24.51 2.00
CA ASN B 173 23.99 -25.08 0.93
C ASN B 173 22.84 -25.96 1.42
N GLN B 174 22.51 -25.85 2.71
CA GLN B 174 21.54 -26.75 3.29
C GLN B 174 20.40 -26.04 3.98
N TYR B 175 20.71 -25.39 5.10
CA TYR B 175 19.71 -24.68 5.88
C TYR B 175 20.31 -23.68 6.83
N ASP B 176 19.45 -22.79 7.33
CA ASP B 176 19.76 -21.94 8.45
C ASP B 176 18.61 -22.08 9.44
N VAL B 177 18.94 -22.10 10.74
CA VAL B 177 17.94 -22.18 11.80
C VAL B 177 18.02 -20.96 12.73
N PHE B 178 16.87 -20.33 12.97
CA PHE B 178 16.74 -19.22 13.90
C PHE B 178 15.81 -19.67 15.01
N VAL B 179 16.08 -19.21 16.24
CA VAL B 179 15.15 -19.42 17.35
C VAL B 179 14.72 -18.07 17.93
N ARG B 180 13.53 -18.04 18.51
CA ARG B 180 13.06 -16.86 19.23
C ARG B 180 14.08 -16.42 20.29
N ASN B 181 14.32 -15.13 20.38
CA ASN B 181 15.09 -14.54 21.49
C ASN B 181 14.19 -14.46 22.72
N GLU B 182 14.43 -15.34 23.70
CA GLU B 182 13.55 -15.41 24.88
C GLU B 182 13.73 -14.21 25.81
N ASN B 183 14.79 -13.44 25.60
CA ASN B 183 15.04 -12.22 26.38
C ASN B 183 14.94 -10.96 25.51
N TYR B 184 14.09 -11.01 24.49
CA TYR B 184 13.84 -9.85 23.64
C TYR B 184 13.17 -8.73 24.45
N TRP B 185 13.67 -7.50 24.29
CA TRP B 185 13.12 -6.35 25.00
C TRP B 185 11.64 -6.06 24.69
N GLY B 186 11.18 -6.46 23.51
CA GLY B 186 9.82 -6.15 23.08
C GLY B 186 8.90 -7.34 23.18
N GLU B 187 7.87 -7.34 22.35
CA GLU B 187 6.90 -8.44 22.31
C GLU B 187 7.53 -9.76 21.86
N LYS B 188 7.27 -10.81 22.63
CA LYS B 188 7.69 -12.16 22.28
C LYS B 188 6.97 -12.61 21.02
N PRO B 189 7.73 -13.05 19.98
CA PRO B 189 7.03 -13.65 18.84
C PRO B 189 6.30 -14.94 19.23
N ALA B 190 5.20 -15.23 18.53
CA ALA B 190 4.47 -16.48 18.73
C ALA B 190 5.29 -17.69 18.28
N ILE B 191 6.06 -17.52 17.21
CA ILE B 191 6.87 -18.61 16.65
C ILE B 191 8.19 -18.78 17.42
N LYS B 192 8.51 -20.02 17.78
CA LYS B 192 9.73 -20.34 18.56
C LYS B 192 10.96 -20.59 17.67
N LYS B 193 10.74 -21.20 16.53
CA LYS B 193 11.82 -21.64 15.64
C LYS B 193 11.44 -21.42 14.18
N ILE B 194 12.41 -20.94 13.38
CA ILE B 194 12.23 -20.79 11.95
C ILE B 194 13.42 -21.44 11.26
N THR B 195 13.13 -22.40 10.40
CA THR B 195 14.14 -23.08 9.63
C THR B 195 14.04 -22.64 8.15
N PHE B 196 15.17 -22.25 7.58
CA PHE B 196 15.22 -21.85 6.17
C PHE B 196 15.93 -22.92 5.39
N ASN B 197 15.19 -23.63 4.55
CA ASN B 197 15.79 -24.57 3.62
C ASN B 197 16.38 -23.83 2.44
N VAL B 198 17.63 -24.15 2.10
CA VAL B 198 18.28 -23.54 0.94
C VAL B 198 17.79 -24.18 -0.36
N ILE B 199 17.00 -23.43 -1.13
CA ILE B 199 16.35 -23.96 -2.33
C ILE B 199 16.47 -22.91 -3.46
N PRO B 200 17.53 -23.01 -4.29
CA PRO B 200 17.71 -21.94 -5.28
C PRO B 200 16.73 -21.87 -6.46
N ASP B 201 16.09 -23.00 -6.82
CA ASP B 201 15.22 -23.12 -8.01
C ASP B 201 13.77 -22.76 -7.61
N PRO B 202 13.12 -21.82 -8.33
CA PRO B 202 11.75 -21.38 -7.95
C PRO B 202 10.72 -22.51 -8.12
N THR B 203 10.99 -23.35 -9.10
CA THR B 203 10.14 -24.46 -9.39
C THR B 203 10.26 -25.45 -8.20
N THR B 204 11.46 -25.67 -7.69
CA THR B 204 11.66 -26.53 -6.53
C THR B 204 11.07 -25.91 -5.25
N ARG B 205 11.10 -24.58 -5.14
CA ARG B 205 10.48 -23.95 -3.98
C ARG B 205 8.98 -24.25 -3.98
N ALA B 206 8.38 -24.21 -5.17
CA ALA B 206 6.93 -24.51 -5.31
C ALA B 206 6.62 -25.95 -4.89
N VAL B 207 7.48 -26.88 -5.29
CA VAL B 207 7.28 -28.29 -4.91
C VAL B 207 7.43 -28.47 -3.39
N ALA B 208 8.44 -27.85 -2.80
CA ALA B 208 8.68 -27.98 -1.36
C ALA B 208 7.43 -27.51 -0.60
N PHE B 209 6.80 -26.45 -1.11
CA PHE B 209 5.55 -25.98 -0.51
C PHE B 209 4.40 -26.95 -0.74
N GLU B 210 4.17 -27.38 -1.99
CA GLU B 210 3.01 -28.22 -2.32
C GLU B 210 3.04 -29.59 -1.57
N THR B 211 4.23 -30.10 -1.30
CA THR B 211 4.38 -31.35 -0.51
C THR B 211 4.23 -31.14 1.00
N GLY B 212 4.21 -29.87 1.41
CA GLY B 212 4.22 -29.52 2.84
C GLY B 212 5.57 -29.58 3.53
N ASP B 213 6.66 -29.78 2.78
CA ASP B 213 7.98 -29.73 3.40
C ASP B 213 8.26 -28.37 4.01
N ILE B 214 7.78 -27.32 3.35
CA ILE B 214 7.89 -25.98 3.92
C ILE B 214 6.48 -25.41 4.11
N ASP B 215 6.38 -24.39 4.97
CA ASP B 215 5.09 -23.88 5.44
C ASP B 215 4.73 -22.53 4.81
N LEU B 216 5.73 -21.86 4.27
CA LEU B 216 5.62 -20.44 3.92
C LEU B 216 6.66 -20.06 2.86
N LEU B 217 6.23 -19.24 1.91
CA LEU B 217 7.15 -18.56 0.97
C LEU B 217 6.75 -17.10 0.95
N TYR B 218 7.75 -16.21 0.95
CA TYR B 218 7.50 -14.77 1.02
C TYR B 218 8.57 -14.06 0.22
N GLY B 219 8.20 -13.30 -0.79
CA GLY B 219 9.22 -12.67 -1.62
C GLY B 219 8.62 -11.95 -2.78
N ASN B 220 9.47 -11.55 -3.72
CA ASN B 220 9.01 -10.78 -4.88
C ASN B 220 8.55 -11.66 -6.04
N GLU B 221 8.51 -11.07 -7.24
CA GLU B 221 7.97 -11.76 -8.43
C GLU B 221 8.74 -13.04 -8.83
N GLY B 222 9.95 -13.18 -8.29
CA GLY B 222 10.82 -14.35 -8.58
C GLY B 222 10.68 -15.48 -7.56
N LEU B 223 9.76 -15.29 -6.63
CA LEU B 223 9.56 -16.25 -5.54
C LEU B 223 9.27 -17.67 -6.03
N LEU B 224 8.30 -17.81 -6.94
CA LEU B 224 7.95 -19.11 -7.52
C LEU B 224 7.34 -18.87 -8.90
N PRO B 225 7.19 -19.94 -9.70
CA PRO B 225 6.66 -19.68 -11.05
C PRO B 225 5.26 -19.04 -10.96
N LEU B 226 5.01 -18.01 -11.77
CA LEU B 226 3.74 -17.27 -11.62
C LEU B 226 2.51 -18.06 -12.06
N ASP B 227 2.67 -19.00 -13.00
CA ASP B 227 1.53 -19.84 -13.38
C ASP B 227 1.18 -20.78 -12.22
N THR B 228 2.21 -21.32 -11.57
CA THR B 228 2.00 -22.16 -10.39
C THR B 228 1.31 -21.34 -9.29
N PHE B 229 1.83 -20.14 -9.05
CA PHE B 229 1.22 -19.24 -8.08
C PHE B 229 -0.27 -19.04 -8.35
N ALA B 230 -0.62 -18.77 -9.62
CA ALA B 230 -2.03 -18.63 -10.02
C ALA B 230 -2.84 -19.90 -9.71
N ARG B 231 -2.27 -21.06 -10.01
CA ARG B 231 -2.95 -22.32 -9.68
C ARG B 231 -3.13 -22.46 -8.17
N PHE B 232 -2.08 -22.17 -7.40
CA PHE B 232 -2.20 -22.21 -5.93
C PHE B 232 -3.31 -21.31 -5.38
N SER B 233 -3.46 -20.12 -5.96
CA SER B 233 -4.50 -19.17 -5.54
C SER B 233 -5.92 -19.69 -5.72
N GLN B 234 -6.10 -20.68 -6.61
CA GLN B 234 -7.40 -21.27 -6.88
C GLN B 234 -7.70 -22.50 -6.04
N ASN B 235 -6.77 -22.89 -5.20
CA ASN B 235 -6.87 -24.15 -4.48
C ASN B 235 -7.05 -23.86 -3.00
N PRO B 236 -8.22 -24.22 -2.42
CA PRO B 236 -8.48 -23.97 -1.00
C PRO B 236 -7.56 -24.70 -0.01
N ALA B 237 -6.77 -25.65 -0.50
CA ALA B 237 -5.76 -26.36 0.31
C ALA B 237 -4.64 -25.42 0.72
N TYR B 238 -4.46 -24.35 -0.06
CA TYR B 238 -3.34 -23.41 0.13
C TYR B 238 -3.89 -22.03 0.40
N HIS B 239 -2.99 -21.14 0.81
CA HIS B 239 -3.33 -19.72 0.93
C HIS B 239 -2.33 -18.91 0.09
N THR B 240 -2.84 -17.94 -0.66
CA THR B 240 -1.91 -17.06 -1.40
C THR B 240 -2.21 -15.60 -1.14
N GLN B 241 -1.18 -14.75 -1.30
CA GLN B 241 -1.40 -13.30 -1.23
C GLN B 241 -0.58 -12.59 -2.29
N LEU B 242 -1.08 -11.44 -2.73
CA LEU B 242 -0.35 -10.57 -3.65
C LEU B 242 -0.51 -9.16 -3.11
N SER B 243 0.59 -8.48 -2.82
CA SER B 243 0.49 -7.13 -2.28
C SER B 243 0.19 -6.13 -3.38
N GLN B 244 -0.08 -4.89 -2.97
CA GLN B 244 0.01 -3.76 -3.89
C GLN B 244 1.47 -3.59 -4.31
N PRO B 245 1.70 -3.01 -5.50
CA PRO B 245 3.04 -2.92 -6.04
C PRO B 245 4.03 -2.25 -5.11
N ILE B 246 5.27 -2.73 -5.10
CA ILE B 246 6.29 -2.21 -4.17
C ILE B 246 7.45 -1.51 -4.87
N GLU B 247 7.67 -1.84 -6.13
CA GLU B 247 8.86 -1.29 -6.83
C GLU B 247 8.78 -1.55 -8.33
N THR B 248 9.70 -0.94 -9.08
CA THR B 248 9.71 -1.04 -10.53
C THR B 248 10.74 -2.04 -11.03
N VAL B 249 10.37 -2.80 -12.06
CA VAL B 249 11.32 -3.64 -12.79
C VAL B 249 11.40 -3.05 -14.18
N MET B 250 12.62 -2.94 -14.72
CA MET B 250 12.83 -2.23 -15.98
C MET B 250 14.10 -2.73 -16.67
N LEU B 251 14.34 -2.21 -17.88
CA LEU B 251 15.68 -2.30 -18.44
C LEU B 251 16.40 -0.99 -18.16
N ALA B 252 17.70 -1.08 -17.91
CA ALA B 252 18.56 0.11 -17.96
C ALA B 252 19.29 0.10 -19.29
N LEU B 253 19.25 1.24 -20.01
CA LEU B 253 19.87 1.36 -21.33
C LEU B 253 21.17 2.16 -21.24
N ASN B 254 22.24 1.65 -21.84
CA ASN B 254 23.54 2.30 -21.73
C ASN B 254 23.69 3.48 -22.69
N THR B 255 23.55 4.67 -22.14
CA THR B 255 23.61 5.87 -22.94
C THR B 255 25.03 6.16 -23.44
N ALA B 256 26.02 5.41 -22.95
CA ALA B 256 27.43 5.61 -23.33
C ALA B 256 27.98 4.61 -24.33
N LYS B 257 27.12 3.73 -24.85
CA LYS B 257 27.54 2.66 -25.75
C LYS B 257 26.62 2.60 -26.96
N ALA B 258 27.22 2.54 -28.16
CA ALA B 258 26.45 2.36 -29.40
C ALA B 258 25.65 1.04 -29.38
N PRO B 259 24.42 1.04 -29.90
CA PRO B 259 23.63 2.14 -30.46
C PRO B 259 22.69 2.82 -29.44
N THR B 260 22.68 2.33 -28.19
CA THR B 260 21.84 2.93 -27.15
C THR B 260 22.33 4.31 -26.70
N ASN B 261 23.47 4.77 -27.22
CA ASN B 261 23.91 6.14 -27.00
C ASN B 261 23.00 7.16 -27.69
N GLU B 262 22.24 6.70 -28.67
CA GLU B 262 21.34 7.55 -29.44
C GLU B 262 19.97 7.63 -28.80
N LEU B 263 19.57 8.86 -28.47
CA LEU B 263 18.26 9.13 -27.89
C LEU B 263 17.10 8.52 -28.69
N ALA B 264 17.16 8.65 -30.02
CA ALA B 264 16.08 8.12 -30.87
C ALA B 264 15.97 6.60 -30.80
N VAL B 265 17.11 5.92 -30.63
CA VAL B 265 17.12 4.47 -30.45
C VAL B 265 16.45 4.10 -29.12
N ARG B 266 16.82 4.80 -28.05
CA ARG B 266 16.22 4.54 -26.72
C ARG B 266 14.72 4.82 -26.66
N GLU B 267 14.29 5.94 -27.24
CA GLU B 267 12.87 6.23 -27.42
C GLU B 267 12.14 5.15 -28.23
N ALA B 268 12.71 4.73 -29.35
CA ALA B 268 12.16 3.65 -30.16
C ALA B 268 12.04 2.34 -29.36
N LEU B 269 13.05 2.00 -28.57
CA LEU B 269 12.94 0.79 -27.75
C LEU B 269 11.79 0.89 -26.77
N ASN B 270 11.61 2.07 -26.20
CA ASN B 270 10.52 2.30 -25.24
C ASN B 270 9.12 2.20 -25.87
N TYR B 271 9.05 2.37 -27.19
CA TYR B 271 7.78 2.22 -27.90
C TYR B 271 7.56 0.78 -28.41
N ALA B 272 8.64 -0.01 -28.43
CA ALA B 272 8.63 -1.31 -29.08
C ALA B 272 8.08 -2.51 -28.29
N VAL B 273 8.08 -2.41 -26.96
CA VAL B 273 7.65 -3.53 -26.10
C VAL B 273 6.14 -3.46 -25.79
N ASN B 274 5.46 -4.57 -26.03
CA ASN B 274 4.08 -4.73 -25.64
C ASN B 274 4.11 -5.22 -24.18
N LYS B 275 4.12 -4.25 -23.27
CA LYS B 275 4.26 -4.52 -21.83
C LYS B 275 3.09 -5.35 -21.30
N LYS B 276 1.88 -5.00 -21.74
CA LYS B 276 0.69 -5.76 -21.35
C LYS B 276 0.88 -7.25 -21.67
N SER B 277 1.25 -7.54 -22.91
CA SER B 277 1.46 -8.93 -23.35
C SER B 277 2.63 -9.60 -22.64
N LEU B 278 3.70 -8.85 -22.42
CA LEU B 278 4.86 -9.35 -21.71
C LEU B 278 4.43 -9.83 -20.34
N ILE B 279 3.60 -9.03 -19.67
CA ILE B 279 3.16 -9.37 -18.34
C ILE B 279 2.24 -10.60 -18.35
N ASP B 280 1.35 -10.69 -19.34
CA ASP B 280 0.48 -11.87 -19.49
C ASP B 280 1.25 -13.17 -19.76
N ASN B 281 2.34 -13.06 -20.51
CA ASN B 281 3.11 -14.20 -20.95
C ASN B 281 4.24 -14.60 -20.02
N ALA B 282 5.02 -13.62 -19.55
CA ALA B 282 6.13 -13.90 -18.68
C ALA B 282 5.76 -13.90 -17.21
N LEU B 283 4.72 -13.14 -16.87
CA LEU B 283 4.36 -12.92 -15.46
C LEU B 283 2.94 -13.40 -15.16
N TYR B 284 2.42 -14.18 -16.11
CA TYR B 284 1.08 -14.79 -16.01
C TYR B 284 0.01 -13.79 -15.60
N GLY B 285 0.17 -12.55 -16.06
CA GLY B 285 -0.79 -11.47 -15.79
C GLY B 285 -0.87 -10.98 -14.36
N THR B 286 0.12 -11.28 -13.53
CA THR B 286 0.03 -11.04 -12.10
C THR B 286 0.52 -9.67 -11.63
N GLN B 287 1.24 -8.95 -12.49
CA GLN B 287 1.87 -7.69 -12.08
C GLN B 287 1.29 -6.52 -12.90
N GLN B 288 1.70 -5.28 -12.63
CA GLN B 288 1.13 -4.12 -13.36
C GLN B 288 2.10 -3.55 -14.39
N VAL B 289 1.58 -2.97 -15.47
CA VAL B 289 2.43 -2.27 -16.47
C VAL B 289 3.04 -0.99 -15.86
N ALA B 290 4.34 -0.76 -16.11
CA ALA B 290 5.04 0.43 -15.64
C ALA B 290 5.35 1.35 -16.81
N ASP B 291 5.00 2.63 -16.66
CA ASP B 291 5.27 3.67 -17.65
C ASP B 291 6.44 4.56 -17.27
N THR B 292 6.72 4.65 -15.98
CA THR B 292 7.73 5.60 -15.48
C THR B 292 8.67 4.88 -14.52
N LEU B 293 9.90 5.39 -14.40
CA LEU B 293 10.86 4.81 -13.44
C LEU B 293 10.24 4.56 -12.05
N PHE B 294 9.54 5.56 -11.50
CA PHE B 294 8.77 5.36 -10.26
C PHE B 294 7.29 5.44 -10.57
N ALA B 295 6.50 4.53 -9.98
CA ALA B 295 5.05 4.66 -10.03
C ALA B 295 4.57 6.00 -9.49
N PRO B 296 3.44 6.50 -10.00
CA PRO B 296 2.88 7.78 -9.54
C PRO B 296 2.64 7.83 -8.04
N SER B 297 2.41 6.67 -7.41
CA SER B 297 2.20 6.61 -5.96
C SER B 297 3.46 6.82 -5.07
N VAL B 298 4.64 6.80 -5.67
CA VAL B 298 5.92 7.04 -4.97
C VAL B 298 6.03 8.51 -4.57
N PRO B 299 6.55 8.77 -3.35
CA PRO B 299 6.73 10.15 -2.90
C PRO B 299 7.47 10.96 -3.96
N TYR B 300 6.96 12.16 -4.20
CA TYR B 300 7.60 13.12 -5.10
C TYR B 300 7.50 12.77 -6.58
N ALA B 301 6.83 11.67 -6.92
CA ALA B 301 6.88 11.15 -8.28
C ALA B 301 5.60 11.28 -9.10
N ASN B 302 4.57 11.91 -8.54
CA ASN B 302 3.34 12.09 -9.31
C ASN B 302 3.49 13.38 -10.15
N LEU B 303 4.10 13.23 -11.32
CA LEU B 303 4.58 14.36 -12.12
C LEU B 303 3.83 14.55 -13.43
N GLY B 304 2.90 13.65 -13.72
CA GLY B 304 2.19 13.64 -15.00
C GLY B 304 3.09 13.43 -16.21
N LEU B 305 4.15 12.65 -16.02
CA LEU B 305 5.06 12.29 -17.12
C LEU B 305 4.31 11.53 -18.21
N LYS B 306 4.69 11.78 -19.46
CA LYS B 306 4.02 11.23 -20.62
C LYS B 306 4.46 9.78 -20.83
N PRO B 307 3.51 8.81 -20.73
CA PRO B 307 3.87 7.41 -21.01
C PRO B 307 4.23 7.18 -22.48
N SER B 308 5.18 6.27 -22.72
CA SER B 308 5.42 5.73 -24.06
C SER B 308 4.76 4.37 -24.18
N GLN B 309 3.63 4.34 -24.86
CA GLN B 309 2.84 3.14 -25.06
C GLN B 309 3.43 2.22 -26.13
N TYR B 310 2.87 1.04 -26.26
CA TYR B 310 3.25 0.13 -27.32
C TYR B 310 2.81 0.69 -28.68
N ASP B 311 3.78 1.04 -29.52
CA ASP B 311 3.51 1.63 -30.81
C ASP B 311 4.68 1.36 -31.74
N PRO B 312 4.72 0.17 -32.36
CA PRO B 312 5.84 -0.15 -33.25
C PRO B 312 5.97 0.81 -34.42
N GLN B 313 4.84 1.40 -34.86
CA GLN B 313 4.87 2.40 -35.93
C GLN B 313 5.65 3.65 -35.52
N LYS B 314 5.31 4.22 -34.36
CA LYS B 314 6.09 5.31 -33.79
C LYS B 314 7.56 4.93 -33.64
N ALA B 315 7.84 3.72 -33.16
CA ALA B 315 9.22 3.25 -33.03
C ALA B 315 9.99 3.21 -34.36
N LYS B 316 9.40 2.53 -35.35
CA LYS B 316 9.98 2.47 -36.70
C LYS B 316 10.22 3.85 -37.32
N ALA B 317 9.28 4.77 -37.11
CA ALA B 317 9.35 6.15 -37.61
C ALA B 317 10.46 6.94 -36.91
N LEU B 318 10.60 6.75 -35.59
CA LEU B 318 11.73 7.37 -34.87
C LEU B 318 13.07 6.88 -35.38
N LEU B 319 13.17 5.58 -35.66
CA LEU B 319 14.42 4.99 -36.13
C LEU B 319 14.79 5.44 -37.56
N GLU B 320 13.79 5.54 -38.43
CA GLU B 320 13.99 6.09 -39.77
C GLU B 320 14.52 7.53 -39.70
N LYS B 321 13.85 8.39 -38.92
CA LYS B 321 14.29 9.78 -38.72
C LYS B 321 15.75 9.84 -38.30
N ALA B 322 16.18 8.87 -37.48
CA ALA B 322 17.55 8.80 -36.95
C ALA B 322 18.57 8.20 -37.90
N GLY B 323 18.12 7.73 -39.07
CA GLY B 323 19.02 7.15 -40.07
C GLY B 323 19.22 5.65 -39.96
N TRP B 324 18.36 4.98 -39.20
CA TRP B 324 18.38 3.53 -39.10
C TRP B 324 17.36 2.94 -40.07
N THR B 325 17.85 2.51 -41.24
CA THR B 325 16.98 2.06 -42.32
C THR B 325 17.17 0.57 -42.62
N LEU B 326 16.12 -0.06 -43.14
CA LEU B 326 16.17 -1.44 -43.58
C LEU B 326 16.81 -1.50 -44.97
N PRO B 327 17.93 -2.23 -45.10
CA PRO B 327 18.30 -2.59 -46.46
C PRO B 327 17.70 -3.95 -46.81
N ALA B 328 16.49 -3.95 -47.38
CA ALA B 328 15.89 -5.17 -47.98
C ALA B 328 16.88 -5.81 -48.96
N GLY B 329 16.99 -7.14 -48.96
CA GLY B 329 16.20 -8.05 -48.11
C GLY B 329 16.88 -8.38 -46.79
N LYS B 330 16.68 -7.52 -45.81
CA LYS B 330 17.15 -7.72 -44.44
C LYS B 330 16.11 -7.20 -43.48
N ASP B 331 15.99 -7.86 -42.33
CA ASP B 331 15.03 -7.46 -41.31
C ASP B 331 15.65 -6.63 -40.16
N ILE B 332 16.97 -6.51 -40.14
CA ILE B 332 17.67 -5.71 -39.13
C ILE B 332 18.25 -4.42 -39.75
N ARG B 333 17.85 -3.29 -39.19
CA ARG B 333 18.25 -1.97 -39.68
C ARG B 333 19.75 -1.72 -39.63
N GLU B 334 20.20 -0.78 -40.46
CA GLU B 334 21.60 -0.41 -40.52
C GLU B 334 21.78 1.09 -40.64
N LYS B 335 22.92 1.58 -40.14
CA LYS B 335 23.29 2.98 -40.18
C LYS B 335 24.81 3.06 -40.24
N ASN B 336 25.34 3.77 -41.25
CA ASN B 336 26.79 3.94 -41.45
C ASN B 336 27.61 2.65 -41.33
N GLY B 337 27.11 1.59 -41.96
CA GLY B 337 27.80 0.30 -41.99
C GLY B 337 27.46 -0.67 -40.87
N GLN B 338 26.89 -0.18 -39.77
CA GLN B 338 26.61 -0.99 -38.59
C GLN B 338 25.14 -1.42 -38.48
N PRO B 339 24.90 -2.69 -38.09
CA PRO B 339 23.55 -3.18 -37.79
C PRO B 339 23.01 -2.64 -36.48
N LEU B 340 21.68 -2.59 -36.34
CA LEU B 340 21.07 -2.16 -35.10
C LEU B 340 21.06 -3.38 -34.18
N ARG B 341 22.20 -3.64 -33.54
CA ARG B 341 22.36 -4.79 -32.63
C ARG B 341 22.59 -4.32 -31.20
N ILE B 342 21.80 -4.83 -30.26
CA ILE B 342 21.89 -4.37 -28.88
C ILE B 342 22.01 -5.57 -27.97
N GLU B 343 23.05 -5.59 -27.14
CA GLU B 343 23.26 -6.74 -26.25
C GLU B 343 22.42 -6.59 -24.98
N LEU B 344 21.65 -7.62 -24.66
CA LEU B 344 20.90 -7.70 -23.39
C LEU B 344 21.58 -8.77 -22.56
N SER B 345 22.35 -8.35 -21.57
CA SER B 345 23.03 -9.31 -20.72
C SER B 345 22.20 -9.55 -19.46
N PHE B 346 22.06 -10.81 -19.09
CA PHE B 346 21.21 -11.18 -17.96
C PHE B 346 21.76 -12.43 -17.29
N ILE B 347 21.26 -12.73 -16.10
CA ILE B 347 21.64 -13.96 -15.39
C ILE B 347 20.97 -15.15 -16.06
N GLY B 348 21.80 -16.01 -16.67
CA GLY B 348 21.33 -17.02 -17.61
C GLY B 348 20.41 -18.08 -17.04
N THR B 349 20.60 -18.39 -15.76
CA THR B 349 19.83 -19.42 -15.06
C THR B 349 18.61 -18.83 -14.35
N ASP B 350 18.42 -17.52 -14.48
CA ASP B 350 17.21 -16.88 -13.97
C ASP B 350 16.11 -17.02 -15.01
N ALA B 351 15.17 -17.92 -14.75
CA ALA B 351 14.12 -18.27 -15.69
C ALA B 351 13.24 -17.09 -16.07
N LEU B 352 13.01 -16.21 -15.10
CA LEU B 352 12.15 -15.07 -15.35
C LEU B 352 12.84 -14.03 -16.24
N SER B 353 14.11 -13.75 -15.96
CA SER B 353 14.90 -12.87 -16.84
C SER B 353 14.95 -13.43 -18.27
N LYS B 354 15.18 -14.74 -18.38
CA LYS B 354 15.29 -15.36 -19.71
C LYS B 354 14.00 -15.22 -20.49
N SER B 355 12.87 -15.47 -19.85
CA SER B 355 11.58 -15.42 -20.54
C SER B 355 11.21 -13.99 -20.94
N MET B 356 11.46 -13.03 -20.05
CA MET B 356 11.30 -11.62 -20.43
C MET B 356 12.27 -11.22 -21.53
N ALA B 357 13.51 -11.71 -21.47
CA ALA B 357 14.50 -11.36 -22.49
C ALA B 357 14.07 -11.87 -23.87
N GLU B 358 13.51 -13.07 -23.91
CA GLU B 358 13.05 -13.64 -25.19
C GLU B 358 11.91 -12.83 -25.79
N ILE B 359 10.97 -12.39 -24.95
CA ILE B 359 9.87 -11.57 -25.40
C ILE B 359 10.37 -10.20 -25.90
N ILE B 360 11.24 -9.57 -25.12
CA ILE B 360 11.84 -8.28 -25.50
C ILE B 360 12.54 -8.39 -26.88
N GLN B 361 13.36 -9.42 -27.06
CA GLN B 361 14.00 -9.68 -28.35
C GLN B 361 12.97 -9.76 -29.48
N ALA B 362 11.89 -10.51 -29.26
CA ALA B 362 10.88 -10.72 -30.30
C ALA B 362 10.16 -9.41 -30.63
N ASP B 363 9.78 -8.65 -29.60
CA ASP B 363 9.16 -7.34 -29.80
C ASP B 363 10.09 -6.38 -30.55
N MET B 364 11.35 -6.33 -30.16
CA MET B 364 12.29 -5.41 -30.79
C MET B 364 12.68 -5.83 -32.21
N ARG B 365 12.57 -7.13 -32.48
CA ARG B 365 12.83 -7.64 -33.83
C ARG B 365 11.83 -7.04 -34.82
N GLN B 366 10.60 -6.79 -34.36
CA GLN B 366 9.51 -6.28 -35.22
C GLN B 366 9.76 -4.85 -35.71
N ILE B 367 10.63 -4.11 -35.01
CA ILE B 367 11.01 -2.76 -35.43
C ILE B 367 12.42 -2.73 -36.04
N GLY B 368 12.97 -3.91 -36.32
CA GLY B 368 14.29 -4.02 -36.93
C GLY B 368 15.50 -3.88 -36.03
N ALA B 369 15.31 -4.01 -34.72
CA ALA B 369 16.44 -4.08 -33.78
C ALA B 369 16.77 -5.53 -33.44
N ASP B 370 18.05 -5.88 -33.55
CA ASP B 370 18.53 -7.24 -33.24
C ASP B 370 19.04 -7.23 -31.82
N VAL B 371 18.27 -7.77 -30.89
CA VAL B 371 18.71 -7.87 -29.51
C VAL B 371 19.46 -9.18 -29.33
N SER B 372 20.66 -9.12 -28.81
CA SER B 372 21.47 -10.30 -28.55
C SER B 372 21.26 -10.74 -27.10
N LEU B 373 20.80 -11.96 -26.92
CA LEU B 373 20.61 -12.50 -25.57
C LEU B 373 21.92 -13.04 -25.05
N ILE B 374 22.49 -12.34 -24.07
CA ILE B 374 23.76 -12.75 -23.48
C ILE B 374 23.50 -13.25 -22.05
N GLY B 375 23.27 -14.55 -21.92
CA GLY B 375 23.05 -15.18 -20.61
C GLY B 375 24.38 -15.53 -19.97
N GLU B 376 24.60 -15.03 -18.76
CA GLU B 376 25.85 -15.23 -18.05
C GLU B 376 25.66 -15.55 -16.58
N GLU B 377 26.75 -15.92 -15.92
CA GLU B 377 26.75 -16.15 -14.49
C GLU B 377 26.53 -14.82 -13.77
N GLU B 378 25.95 -14.90 -12.57
CA GLU B 378 25.70 -13.72 -11.76
C GLU B 378 26.94 -12.83 -11.57
N SER B 379 28.09 -13.43 -11.28
CA SER B 379 29.30 -12.64 -11.01
C SER B 379 29.75 -11.84 -12.25
N SER B 380 29.54 -12.43 -13.42
CA SER B 380 29.85 -11.77 -14.68
C SER B 380 28.90 -10.59 -14.96
N ILE B 381 27.62 -10.76 -14.63
CA ILE B 381 26.61 -9.69 -14.75
C ILE B 381 26.94 -8.56 -13.79
N TYR B 382 27.24 -8.92 -12.54
CA TYR B 382 27.69 -7.97 -11.53
C TYR B 382 28.83 -7.10 -12.05
N ALA B 383 29.84 -7.76 -12.62
CA ALA B 383 31.01 -7.07 -13.15
C ALA B 383 30.67 -6.13 -14.30
N ARG B 384 29.81 -6.59 -15.21
CA ARG B 384 29.38 -5.78 -16.35
C ARG B 384 28.74 -4.49 -15.83
N GLN B 385 27.80 -4.64 -14.89
CA GLN B 385 27.11 -3.49 -14.29
C GLN B 385 28.11 -2.48 -13.72
N ARG B 386 29.10 -2.97 -12.98
CA ARG B 386 30.16 -2.15 -12.40
C ARG B 386 30.99 -1.40 -13.44
N ASP B 387 31.33 -2.10 -14.52
CA ASP B 387 32.29 -1.59 -15.49
C ASP B 387 31.62 -0.82 -16.62
N GLY B 388 30.28 -0.91 -16.69
CA GLY B 388 29.50 -0.34 -17.77
C GLY B 388 29.62 -1.13 -19.07
N ARG B 389 29.98 -2.40 -18.96
CA ARG B 389 30.09 -3.26 -20.13
C ARG B 389 28.76 -3.95 -20.42
N PHE B 390 27.78 -3.16 -20.85
CA PHE B 390 26.46 -3.70 -21.21
C PHE B 390 25.78 -2.78 -22.20
N GLY B 391 24.86 -3.32 -22.98
CA GLY B 391 23.97 -2.52 -23.82
C GLY B 391 22.70 -2.24 -23.05
N MET B 392 22.02 -3.32 -22.66
CA MET B 392 20.84 -3.25 -21.81
C MET B 392 20.97 -4.30 -20.72
N ILE B 393 20.46 -3.98 -19.54
CA ILE B 393 20.45 -4.93 -18.41
C ILE B 393 19.10 -4.83 -17.73
N PHE B 394 18.68 -5.91 -17.08
CA PHE B 394 17.51 -5.83 -16.24
C PHE B 394 17.91 -5.09 -14.99
N HIS B 395 16.97 -4.33 -14.42
CA HIS B 395 17.29 -3.57 -13.23
C HIS B 395 15.99 -3.37 -12.45
N ARG B 396 16.11 -2.99 -11.19
CA ARG B 396 14.91 -2.72 -10.38
C ARG B 396 15.13 -1.58 -9.41
N THR B 397 14.05 -0.93 -9.00
CA THR B 397 14.16 0.07 -7.94
C THR B 397 14.05 -0.71 -6.63
N TRP B 398 14.02 0.01 -5.52
CA TRP B 398 14.38 -0.60 -4.24
C TRP B 398 13.23 -0.69 -3.22
N GLY B 399 12.09 -0.11 -3.55
CA GLY B 399 10.92 -0.08 -2.65
C GLY B 399 11.09 0.90 -1.49
N ALA B 400 10.07 0.98 -0.62
CA ALA B 400 10.12 1.90 0.52
C ALA B 400 11.14 1.38 1.53
N PRO B 401 11.87 2.29 2.22
CA PRO B 401 11.88 3.75 2.10
C PRO B 401 12.93 4.28 1.15
N TYR B 402 13.55 3.38 0.36
CA TYR B 402 14.61 3.74 -0.56
C TYR B 402 14.13 4.60 -1.71
N ASP B 403 12.92 4.33 -2.20
CA ASP B 403 12.41 5.05 -3.35
C ASP B 403 11.61 6.29 -2.91
N PRO B 404 11.95 7.46 -3.47
CA PRO B 404 12.92 7.67 -4.54
C PRO B 404 14.31 8.12 -4.05
N HIS B 405 14.42 8.62 -2.82
CA HIS B 405 15.61 9.43 -2.45
C HIS B 405 16.93 8.64 -2.47
N ALA B 406 16.93 7.41 -1.92
CA ALA B 406 18.17 6.62 -1.85
C ALA B 406 18.55 6.02 -3.20
N PHE B 407 17.55 5.60 -3.98
CA PHE B 407 17.79 5.13 -5.35
C PHE B 407 18.45 6.26 -6.17
N LEU B 408 17.94 7.48 -6.02
CA LEU B 408 18.58 8.63 -6.70
C LEU B 408 19.99 8.89 -6.19
N SER B 409 20.15 8.92 -4.87
CA SER B 409 21.44 9.19 -4.25
C SER B 409 22.51 8.27 -4.86
N SER B 410 22.14 7.00 -5.03
CA SER B 410 23.10 6.03 -5.51
C SER B 410 23.48 6.16 -6.99
N MET B 411 22.64 6.83 -7.78
CA MET B 411 22.97 7.15 -9.19
C MET B 411 24.31 7.90 -9.36
N ARG B 412 24.75 8.54 -8.29
CA ARG B 412 25.96 9.39 -8.33
C ARG B 412 27.24 8.57 -8.11
N VAL B 413 27.09 7.32 -7.69
CA VAL B 413 28.22 6.49 -7.31
C VAL B 413 28.82 5.76 -8.52
N PRO B 414 30.08 6.08 -8.86
CA PRO B 414 30.72 5.39 -9.96
C PRO B 414 30.76 3.90 -9.68
N SER B 415 30.83 3.10 -10.74
CA SER B 415 30.93 1.65 -10.59
C SER B 415 29.64 1.01 -10.12
N HIS B 416 28.53 1.72 -10.29
CA HIS B 416 27.19 1.17 -10.05
C HIS B 416 26.40 1.23 -11.38
N ALA B 417 25.42 0.36 -11.56
CA ALA B 417 24.71 0.24 -12.84
C ALA B 417 24.10 1.56 -13.34
N ASP B 418 23.44 2.30 -12.43
CA ASP B 418 22.70 3.48 -12.87
C ASP B 418 23.64 4.59 -13.33
N PHE B 419 24.72 4.77 -12.57
CA PHE B 419 25.75 5.73 -12.93
C PHE B 419 26.30 5.40 -14.31
N GLN B 420 26.65 4.13 -14.52
CA GLN B 420 27.20 3.66 -15.79
C GLN B 420 26.23 3.88 -16.95
N ALA B 421 24.95 3.56 -16.73
CA ALA B 421 23.95 3.66 -17.79
C ALA B 421 23.72 5.11 -18.21
N GLN B 422 23.93 6.04 -17.30
CA GLN B 422 23.67 7.47 -17.51
C GLN B 422 24.89 8.25 -18.02
N GLN B 423 26.01 7.57 -18.22
CA GLN B 423 27.29 8.28 -18.46
C GLN B 423 27.35 9.05 -19.77
N GLY B 424 26.53 8.64 -20.72
CA GLY B 424 26.46 9.24 -22.05
C GLY B 424 25.56 10.44 -22.13
N LEU B 425 24.92 10.80 -21.02
CA LEU B 425 23.95 11.90 -21.03
C LEU B 425 24.65 13.25 -20.89
N ALA B 426 24.35 14.17 -21.80
CA ALA B 426 24.93 15.51 -21.74
C ALA B 426 24.66 16.16 -20.38
N ASP B 427 23.49 15.87 -19.79
CA ASP B 427 23.14 16.48 -18.51
C ASP B 427 23.39 15.61 -17.27
N LYS B 428 24.18 14.55 -17.40
CA LYS B 428 24.53 13.73 -16.23
C LYS B 428 25.18 14.55 -15.08
N PRO B 429 26.13 15.43 -15.41
CA PRO B 429 26.70 16.27 -14.36
C PRO B 429 25.64 17.10 -13.62
N LEU B 430 24.74 17.74 -14.37
CA LEU B 430 23.63 18.50 -13.77
C LEU B 430 22.71 17.62 -12.92
N ILE B 431 22.36 16.44 -13.43
CA ILE B 431 21.50 15.51 -12.68
C ILE B 431 22.15 15.17 -11.34
N ASP B 432 23.43 14.83 -11.35
CA ASP B 432 24.11 14.47 -10.10
C ASP B 432 24.22 15.64 -9.13
N LYS B 433 24.44 16.84 -9.65
CA LYS B 433 24.47 18.03 -8.81
C LYS B 433 23.10 18.22 -8.14
N GLU B 434 22.03 18.06 -8.92
CA GLU B 434 20.67 18.26 -8.42
C GLU B 434 20.25 17.18 -7.40
N ILE B 435 20.74 15.96 -7.60
CA ILE B 435 20.53 14.87 -6.62
C ILE B 435 21.16 15.25 -5.29
N GLY B 436 22.40 15.74 -5.33
CA GLY B 436 23.02 16.26 -4.12
C GLY B 436 22.14 17.34 -3.48
N GLU B 437 21.65 18.26 -4.30
CA GLU B 437 20.85 19.36 -3.80
C GLU B 437 19.52 18.92 -3.18
N VAL B 438 18.89 17.94 -3.80
CA VAL B 438 17.59 17.47 -3.33
C VAL B 438 17.74 16.86 -1.92
N LEU B 439 18.90 16.23 -1.67
CA LEU B 439 19.22 15.61 -0.36
C LEU B 439 19.54 16.64 0.72
N ALA B 440 20.12 17.77 0.30
CA ALA B 440 20.64 18.76 1.24
C ALA B 440 19.66 19.90 1.52
N THR B 441 18.80 20.23 0.55
CA THR B 441 17.96 21.42 0.66
C THR B 441 17.00 21.35 1.84
N HIS B 442 16.83 22.48 2.52
CA HIS B 442 15.84 22.58 3.58
C HIS B 442 14.59 23.28 3.06
N ASP B 443 14.60 23.66 1.77
CA ASP B 443 13.48 24.33 1.12
C ASP B 443 12.60 23.27 0.44
N GLU B 444 11.41 23.06 0.99
CA GLU B 444 10.52 21.99 0.53
C GLU B 444 9.98 22.20 -0.89
N THR B 445 9.76 23.46 -1.25
CA THR B 445 9.36 23.81 -2.61
C THR B 445 10.48 23.43 -3.59
N GLN B 446 11.71 23.74 -3.20
CA GLN B 446 12.87 23.45 -4.02
C GLN B 446 13.06 21.94 -4.12
N ARG B 447 12.84 21.23 -3.00
CA ARG B 447 12.99 19.78 -2.98
C ARG B 447 12.07 19.16 -4.04
N GLN B 448 10.82 19.62 -4.09
CA GLN B 448 9.85 19.05 -5.03
C GLN B 448 10.22 19.42 -6.45
N ALA B 449 10.72 20.64 -6.62
CA ALA B 449 11.10 21.13 -7.94
C ALA B 449 12.29 20.31 -8.46
N LEU B 450 13.25 20.01 -7.59
CA LEU B 450 14.42 19.25 -7.97
C LEU B 450 14.05 17.80 -8.31
N TYR B 451 13.18 17.19 -7.50
CA TYR B 451 12.70 15.85 -7.87
C TYR B 451 12.02 15.86 -9.23
N ARG B 452 11.14 16.84 -9.48
CA ARG B 452 10.50 16.92 -10.79
C ARG B 452 11.56 17.01 -11.88
N ASP B 453 12.56 17.88 -11.69
CA ASP B 453 13.57 18.07 -12.72
C ASP B 453 14.40 16.80 -12.98
N ILE B 454 14.84 16.13 -11.92
CA ILE B 454 15.66 14.92 -12.06
C ILE B 454 14.87 13.85 -12.76
N LEU B 455 13.68 13.56 -12.23
CA LEU B 455 12.86 12.48 -12.80
C LEU B 455 12.39 12.76 -14.21
N THR B 456 12.10 14.02 -14.51
CA THR B 456 11.67 14.38 -15.84
C THR B 456 12.84 14.25 -16.82
N ARG B 457 14.04 14.68 -16.42
CA ARG B 457 15.21 14.46 -17.31
C ARG B 457 15.44 12.97 -17.61
N LEU B 458 15.39 12.15 -16.57
CA LEU B 458 15.62 10.71 -16.73
C LEU B 458 14.58 10.09 -17.65
N HIS B 459 13.33 10.53 -17.49
CA HIS B 459 12.23 10.06 -18.32
C HIS B 459 12.38 10.49 -19.77
N ASP B 460 12.58 11.79 -19.98
CA ASP B 460 12.71 12.35 -21.34
C ASP B 460 13.90 11.82 -22.13
N GLU B 461 14.97 11.48 -21.43
CA GLU B 461 16.15 10.97 -22.08
C GLU B 461 16.13 9.46 -22.27
N ALA B 462 15.03 8.84 -21.81
CA ALA B 462 14.75 7.43 -22.04
C ALA B 462 15.91 6.55 -21.60
N VAL B 463 16.43 6.84 -20.41
CA VAL B 463 17.54 6.06 -19.82
C VAL B 463 17.04 4.66 -19.45
N TYR B 464 15.80 4.59 -18.98
CA TYR B 464 15.20 3.33 -18.58
C TYR B 464 14.11 2.89 -19.54
N LEU B 465 13.80 1.59 -19.49
CA LEU B 465 12.66 1.07 -20.18
C LEU B 465 11.79 0.41 -19.09
N PRO B 466 10.90 1.18 -18.47
CA PRO B 466 10.12 0.58 -17.37
C PRO B 466 9.25 -0.55 -17.89
N ILE B 467 9.17 -1.64 -17.14
CA ILE B 467 8.42 -2.80 -17.60
C ILE B 467 7.18 -3.03 -16.74
N SER B 468 7.40 -3.20 -15.44
CA SER B 468 6.31 -3.60 -14.55
C SER B 468 6.49 -3.00 -13.15
N TYR B 469 5.38 -2.71 -12.47
CA TYR B 469 5.46 -2.47 -11.02
C TYR B 469 5.09 -3.79 -10.39
N ILE B 470 6.02 -4.35 -9.65
CA ILE B 470 5.88 -5.70 -9.08
C ILE B 470 5.42 -5.66 -7.64
N SER B 471 4.84 -6.78 -7.20
CA SER B 471 4.32 -6.91 -5.85
C SER B 471 5.10 -7.98 -5.08
N MET B 472 4.90 -7.94 -3.76
CA MET B 472 5.28 -9.04 -2.88
C MET B 472 4.21 -10.13 -3.00
N MET B 473 4.65 -11.38 -2.93
CA MET B 473 3.74 -12.51 -2.97
C MET B 473 4.02 -13.44 -1.80
N VAL B 474 2.96 -14.12 -1.35
CA VAL B 474 3.06 -15.04 -0.23
C VAL B 474 2.33 -16.30 -0.64
N VAL B 475 2.88 -17.45 -0.24
CA VAL B 475 2.17 -18.71 -0.32
C VAL B 475 2.38 -19.31 1.07
N SER B 476 1.31 -19.79 1.69
CA SER B 476 1.39 -20.26 3.07
C SER B 476 0.37 -21.33 3.36
N LYS B 477 0.69 -22.20 4.30
CA LYS B 477 -0.30 -23.15 4.80
C LYS B 477 -1.43 -22.36 5.49
N PRO B 478 -2.70 -22.74 5.23
CA PRO B 478 -3.82 -21.99 5.77
C PRO B 478 -3.78 -21.77 7.29
N GLU B 479 -3.27 -22.72 8.05
CA GLU B 479 -3.11 -22.58 9.52
C GLU B 479 -2.34 -21.35 9.97
N LEU B 480 -1.47 -20.81 9.12
CA LEU B 480 -0.69 -19.63 9.49
C LEU B 480 -1.49 -18.33 9.43
N GLY B 481 -2.67 -18.38 8.82
CA GLY B 481 -3.55 -17.22 8.74
C GLY B 481 -3.10 -16.20 7.70
N ASN B 482 -3.67 -15.00 7.79
CA ASN B 482 -3.27 -13.89 6.92
C ASN B 482 -1.84 -13.46 7.31
N ILE B 483 -0.97 -13.31 6.30
CA ILE B 483 0.44 -13.01 6.54
C ILE B 483 0.67 -11.50 6.31
N PRO B 484 1.16 -10.77 7.32
CA PRO B 484 1.31 -9.32 7.14
C PRO B 484 2.54 -8.97 6.31
N TYR B 485 2.54 -7.75 5.76
CA TYR B 485 3.71 -7.21 5.07
C TYR B 485 4.48 -6.25 5.96
N ALA B 486 5.80 -6.42 6.00
CA ALA B 486 6.69 -5.45 6.64
C ALA B 486 6.76 -4.20 5.76
N PRO B 487 6.73 -3.00 6.38
CA PRO B 487 6.87 -1.69 5.72
C PRO B 487 8.10 -1.57 4.82
N ILE B 488 9.23 -2.14 5.25
CA ILE B 488 10.43 -2.18 4.42
C ILE B 488 10.40 -3.44 3.55
N ALA B 489 10.49 -3.23 2.22
CA ALA B 489 10.29 -4.31 1.23
C ALA B 489 11.23 -5.51 1.37
N THR B 490 12.42 -5.29 1.93
CA THR B 490 13.40 -6.36 2.10
C THR B 490 13.27 -7.09 3.43
N GLU B 491 12.34 -6.66 4.27
CA GLU B 491 12.11 -7.32 5.55
C GLU B 491 10.93 -8.28 5.50
N ILE B 492 10.97 -9.31 6.34
CA ILE B 492 9.92 -10.30 6.43
C ILE B 492 9.45 -10.33 7.89
N PRO B 493 8.16 -10.06 8.14
CA PRO B 493 7.67 -9.85 9.51
C PRO B 493 7.32 -11.15 10.26
N PHE B 494 8.32 -12.02 10.37
CA PHE B 494 8.12 -13.30 11.05
C PHE B 494 7.51 -13.16 12.45
N GLU B 495 7.97 -12.15 13.19
CA GLU B 495 7.56 -11.98 14.59
C GLU B 495 6.09 -11.60 14.73
N GLN B 496 5.43 -11.34 13.61
CA GLN B 496 4.00 -11.02 13.62
C GLN B 496 3.08 -12.15 13.16
N ILE B 497 3.67 -13.30 12.82
CA ILE B 497 2.89 -14.46 12.42
C ILE B 497 2.41 -15.23 13.66
N LYS B 498 1.10 -15.47 13.72
CA LYS B 498 0.49 -16.19 14.84
C LYS B 498 -0.32 -17.39 14.35
N PRO B 499 0.31 -18.59 14.36
CA PRO B 499 -0.36 -19.87 14.09
C PRO B 499 -1.05 -20.44 15.35
#